data_3V9W
#
_entry.id   3V9W
#
_cell.length_a   46.340
_cell.length_b   46.340
_cell.length_c   315.354
_cell.angle_alpha   90.00
_cell.angle_beta   90.00
_cell.angle_gamma   120.00
#
_symmetry.space_group_name_H-M   'P 32'
#
loop_
_entity.id
_entity.type
_entity.pdbx_description
1 polymer 'Ribonuclease T'
2 polymer "DNA (5'-D(*GP*CP*TP*TP*A)-3')"
3 non-polymer 'MAGNESIUM ION'
4 non-polymer 'COBALT (II) ION'
5 water water
#
loop_
_entity_poly.entity_id
_entity_poly.type
_entity_poly.pdbx_seq_one_letter_code
_entity_poly.pdbx_strand_id
1 'polypeptide(L)'
;MGSSHHHHHHSSGLVPRGSHMSDNAQLTGLCDRFRGFYPVVIDVETAGFNAKTDALLEIAAITLKMDEQGWLMPDTTLHF
HVEPFVGANLQPEALAFNGIDPNDPDRGAVSGYEALHEIFKVVRKGIKASGCNRAIMVAHNANFDHSFMMAAAERASLKR
NPFHPFATFDTAALAGLALGQTVLSKACQTAGMDFDSTQAHSALYDTERTAVLFCEIVNRWKRLGGWPLSAAEEV
;
A,B,C,D
2 'polydeoxyribonucleotide' (DG)(DC)(DT)(DT)(DA) E,F,G,H
#
loop_
_chem_comp.id
_chem_comp.type
_chem_comp.name
_chem_comp.formula
CO non-polymer 'COBALT (II) ION' 'Co 2'
DA DNA linking 2'-DEOXYADENOSINE-5'-MONOPHOSPHATE 'C10 H14 N5 O6 P'
DC DNA linking 2'-DEOXYCYTIDINE-5'-MONOPHOSPHATE 'C9 H14 N3 O7 P'
DG DNA linking 2'-DEOXYGUANOSINE-5'-MONOPHOSPHATE 'C10 H14 N5 O7 P'
DT DNA linking THYMIDINE-5'-MONOPHOSPHATE 'C10 H15 N2 O8 P'
MG non-polymer 'MAGNESIUM ION' 'Mg 2'
#
# COMPACT_ATOMS: atom_id res chain seq x y z
N GLY A 29 26.15 -39.06 -5.42
CA GLY A 29 26.19 -37.61 -5.30
C GLY A 29 25.05 -37.07 -4.47
N LEU A 30 24.56 -37.88 -3.55
CA LEU A 30 23.44 -37.50 -2.70
C LEU A 30 23.69 -36.15 -2.02
N CYS A 31 24.92 -35.96 -1.55
CA CYS A 31 25.28 -34.70 -0.91
C CYS A 31 25.94 -33.72 -1.91
N ASP A 32 25.92 -34.07 -3.18
CA ASP A 32 26.24 -33.12 -4.24
C ASP A 32 24.94 -32.44 -4.67
N ARG A 33 23.84 -33.17 -4.50
CA ARG A 33 22.53 -32.74 -4.97
C ARG A 33 21.99 -31.56 -4.15
N PHE A 34 22.20 -31.60 -2.83
CA PHE A 34 21.67 -30.58 -1.94
C PHE A 34 22.74 -29.85 -1.14
N ARG A 35 23.74 -29.34 -1.85
CA ARG A 35 24.89 -28.65 -1.26
C ARG A 35 25.38 -29.23 0.08
N GLY A 36 25.42 -30.55 0.18
CA GLY A 36 25.97 -31.21 1.35
C GLY A 36 24.93 -31.67 2.36
N PHE A 37 23.68 -31.24 2.18
CA PHE A 37 22.60 -31.67 3.05
C PHE A 37 22.22 -33.14 2.80
N TYR A 38 22.04 -33.87 3.90
CA TYR A 38 21.63 -35.26 3.89
C TYR A 38 20.15 -35.28 4.27
N PRO A 39 19.27 -35.46 3.26
CA PRO A 39 17.83 -35.34 3.52
C PRO A 39 17.25 -36.56 4.23
N VAL A 40 16.62 -36.34 5.37
CA VAL A 40 15.99 -37.42 6.11
C VAL A 40 14.51 -37.11 6.32
N VAL A 41 13.66 -38.01 5.86
CA VAL A 41 12.22 -37.84 5.98
C VAL A 41 11.76 -38.16 7.40
N ILE A 42 10.99 -37.24 7.98
CA ILE A 42 10.53 -37.40 9.35
C ILE A 42 9.04 -37.12 9.44
N ASP A 43 8.34 -37.98 10.16
CA ASP A 43 6.97 -37.69 10.57
C ASP A 43 6.79 -37.99 12.06
N VAL A 44 6.09 -37.10 12.76
CA VAL A 44 5.79 -37.32 14.16
C VAL A 44 4.28 -37.37 14.40
N GLU A 45 3.89 -38.10 15.45
CA GLU A 45 2.54 -38.02 15.95
C GLU A 45 2.62 -37.40 17.33
N THR A 46 1.63 -36.56 17.67
CA THR A 46 1.71 -35.75 18.87
C THR A 46 0.37 -35.71 19.59
N ALA A 47 0.37 -35.18 20.80
CA ALA A 47 -0.87 -34.99 21.55
C ALA A 47 -1.35 -33.54 21.47
N GLY A 48 -0.98 -32.85 20.39
CA GLY A 48 -1.43 -31.48 20.18
C GLY A 48 -0.57 -30.70 19.22
N PHE A 49 -0.93 -29.44 18.98
CA PHE A 49 -0.22 -28.62 18.00
C PHE A 49 0.90 -27.80 18.61
N ASN A 50 1.01 -27.83 19.94
CA ASN A 50 2.01 -27.03 20.64
C ASN A 50 3.28 -27.83 20.92
N ALA A 51 4.34 -27.53 20.18
CA ALA A 51 5.57 -28.31 20.23
C ALA A 51 6.27 -28.23 21.59
N LYS A 52 5.97 -27.19 22.36
CA LYS A 52 6.64 -27.00 23.64
C LYS A 52 5.93 -27.65 24.82
N THR A 53 4.61 -27.81 24.70
CA THR A 53 3.81 -28.28 25.82
C THR A 53 3.05 -29.59 25.56
N ASP A 54 2.95 -29.97 24.29
CA ASP A 54 2.19 -31.17 23.94
C ASP A 54 3.10 -32.35 23.69
N ALA A 55 2.69 -33.52 24.17
CA ALA A 55 3.52 -34.73 24.10
C ALA A 55 3.86 -35.13 22.67
N LEU A 56 5.10 -35.55 22.47
CA LEU A 56 5.48 -36.31 21.29
C LEU A 56 5.06 -37.76 21.54
N LEU A 57 4.38 -38.36 20.58
CA LEU A 57 3.85 -39.72 20.79
C LEU A 57 4.47 -40.78 19.87
N GLU A 58 4.97 -40.35 18.73
CA GLU A 58 5.50 -41.29 17.75
C GLU A 58 6.42 -40.57 16.81
N ILE A 59 7.45 -41.27 16.33
CA ILE A 59 8.34 -40.67 15.34
C ILE A 59 8.84 -41.75 14.41
N ALA A 60 8.88 -41.43 13.12
CA ALA A 60 9.45 -42.35 12.14
C ALA A 60 10.41 -41.57 11.26
N ALA A 61 11.49 -42.23 10.87
CA ALA A 61 12.52 -41.60 10.05
C ALA A 61 12.91 -42.48 8.88
N ILE A 62 13.05 -41.86 7.71
CA ILE A 62 13.48 -42.59 6.52
C ILE A 62 14.62 -41.84 5.84
N THR A 63 15.80 -42.46 5.82
CA THR A 63 16.95 -41.88 5.13
C THR A 63 16.81 -42.17 3.64
N LEU A 64 17.60 -41.48 2.84
CA LEU A 64 17.51 -41.62 1.40
C LEU A 64 18.86 -42.01 0.80
N LYS A 65 18.83 -42.58 -0.39
CA LYS A 65 20.06 -42.90 -1.11
C LYS A 65 19.91 -42.56 -2.59
N MET A 66 21.04 -42.34 -3.25
CA MET A 66 21.04 -42.09 -4.68
C MET A 66 21.81 -43.21 -5.38
N ASP A 67 21.20 -43.79 -6.41
CA ASP A 67 21.87 -44.87 -7.14
C ASP A 67 22.96 -44.31 -8.05
N GLU A 68 23.63 -45.21 -8.76
CA GLU A 68 24.76 -44.82 -9.60
C GLU A 68 24.30 -44.00 -10.80
N GLN A 69 23.01 -44.07 -11.12
CA GLN A 69 22.45 -43.31 -12.23
C GLN A 69 21.86 -41.97 -11.79
N GLY A 70 21.93 -41.68 -10.50
CA GLY A 70 21.54 -40.37 -9.98
C GLY A 70 20.10 -40.28 -9.51
N TRP A 71 19.46 -41.42 -9.36
CA TRP A 71 18.05 -41.45 -8.94
C TRP A 71 17.91 -41.61 -7.43
N LEU A 72 16.88 -40.97 -6.87
CA LEU A 72 16.67 -40.93 -5.43
C LEU A 72 15.62 -41.96 -4.98
N MET A 73 15.91 -42.65 -3.89
CA MET A 73 15.00 -43.65 -3.35
C MET A 73 15.22 -43.79 -1.85
N PRO A 74 14.23 -44.35 -1.15
CA PRO A 74 14.36 -44.57 0.31
C PRO A 74 15.46 -45.56 0.63
N ASP A 75 16.13 -45.36 1.77
CA ASP A 75 17.22 -46.22 2.20
C ASP A 75 16.84 -46.97 3.46
N THR A 76 17.05 -46.35 4.62
CA THR A 76 16.81 -46.97 5.92
C THR A 76 15.56 -46.40 6.62
N THR A 77 14.79 -47.27 7.26
CA THR A 77 13.61 -46.86 8.03
C THR A 77 13.74 -47.16 9.53
N LEU A 78 13.49 -46.14 10.35
CA LEU A 78 13.38 -46.31 11.80
C LEU A 78 12.03 -45.81 12.29
N HIS A 79 11.55 -46.38 13.38
CA HIS A 79 10.24 -46.01 13.91
C HIS A 79 10.18 -46.25 15.43
N PHE A 80 9.72 -45.25 16.16
CA PHE A 80 9.60 -45.36 17.61
C PHE A 80 8.28 -44.85 18.15
N HIS A 81 7.69 -45.61 19.05
CA HIS A 81 6.59 -45.10 19.85
C HIS A 81 7.21 -44.36 21.01
N VAL A 82 6.70 -43.17 21.30
CA VAL A 82 7.31 -42.31 22.29
C VAL A 82 6.39 -42.09 23.48
N GLU A 83 6.95 -42.23 24.69
CA GLU A 83 6.21 -41.99 25.92
C GLU A 83 6.07 -40.50 26.14
N PRO A 84 4.85 -40.04 26.44
CA PRO A 84 4.64 -38.62 26.74
C PRO A 84 5.57 -38.15 27.84
N PHE A 85 6.29 -37.06 27.60
CA PHE A 85 7.28 -36.59 28.56
C PHE A 85 6.58 -36.18 29.85
N VAL A 86 7.32 -36.18 30.95
CA VAL A 86 6.74 -35.86 32.25
C VAL A 86 6.26 -34.41 32.27
N GLY A 87 4.98 -34.24 32.54
CA GLY A 87 4.39 -32.92 32.57
C GLY A 87 3.73 -32.56 31.26
N ALA A 88 3.90 -33.42 30.26
CA ALA A 88 3.35 -33.17 28.94
C ALA A 88 1.83 -33.03 28.95
N ASN A 89 1.32 -32.10 28.15
CA ASN A 89 -0.11 -31.96 27.95
C ASN A 89 -0.61 -32.93 26.89
N LEU A 90 -1.85 -33.42 27.07
CA LEU A 90 -2.45 -34.32 26.09
C LEU A 90 -3.83 -33.80 25.66
N GLN A 91 -3.95 -33.48 24.36
CA GLN A 91 -5.23 -33.00 23.83
C GLN A 91 -6.06 -34.15 23.27
N PRO A 92 -7.23 -34.41 23.87
CA PRO A 92 -8.12 -35.50 23.43
C PRO A 92 -8.39 -35.45 21.93
N GLU A 93 -8.54 -34.24 21.39
CA GLU A 93 -8.80 -34.08 19.96
C GLU A 93 -7.64 -34.61 19.12
N ALA A 94 -6.42 -34.47 19.62
CA ALA A 94 -5.25 -35.04 18.95
C ALA A 94 -5.30 -36.57 19.02
N LEU A 95 -5.54 -37.09 20.23
CA LEU A 95 -5.62 -38.54 20.43
C LEU A 95 -6.76 -39.14 19.62
N ALA A 96 -7.84 -38.37 19.49
CA ALA A 96 -8.96 -38.79 18.65
C ALA A 96 -8.51 -38.87 17.20
N PHE A 97 -7.68 -37.92 16.79
CA PHE A 97 -7.21 -37.84 15.41
C PHE A 97 -6.23 -38.96 15.04
N ASN A 98 -5.21 -39.15 15.85
CA ASN A 98 -4.17 -40.14 15.54
C ASN A 98 -4.44 -41.54 16.09
N GLY A 99 -5.57 -41.70 16.78
CA GLY A 99 -5.97 -42.99 17.30
C GLY A 99 -5.00 -43.59 18.31
N ILE A 100 -4.10 -42.78 18.83
CA ILE A 100 -3.11 -43.26 19.77
C ILE A 100 -3.63 -43.33 21.21
N ASP A 101 -3.48 -44.50 21.82
CA ASP A 101 -3.84 -44.69 23.22
C ASP A 101 -2.57 -44.69 24.06
N PRO A 102 -2.23 -43.53 24.64
CA PRO A 102 -1.00 -43.35 25.41
C PRO A 102 -0.96 -44.22 26.66
N ASN A 103 -2.01 -44.99 26.90
CA ASN A 103 -2.08 -45.80 28.12
C ASN A 103 -1.86 -47.30 27.92
N ASP A 104 -1.97 -47.76 26.67
CA ASP A 104 -1.75 -49.17 26.36
C ASP A 104 -0.30 -49.56 26.58
N PRO A 105 -0.02 -50.30 27.67
CA PRO A 105 1.35 -50.69 27.99
C PRO A 105 1.93 -51.62 26.93
N ASP A 106 1.07 -52.11 26.03
CA ASP A 106 1.51 -52.93 24.92
C ASP A 106 2.19 -52.08 23.85
N ARG A 107 1.98 -50.76 23.92
CA ARG A 107 2.47 -49.84 22.89
C ARG A 107 3.98 -49.94 22.72
N GLY A 108 4.69 -50.24 23.80
CA GLY A 108 6.14 -50.37 23.76
C GLY A 108 6.85 -49.05 23.54
N ALA A 109 6.34 -48.01 24.18
CA ALA A 109 6.88 -46.67 24.00
C ALA A 109 8.22 -46.50 24.71
N VAL A 110 9.07 -45.65 24.14
CA VAL A 110 10.35 -45.32 24.73
C VAL A 110 10.40 -43.84 25.03
N SER A 111 11.41 -43.41 25.75
CA SER A 111 11.57 -41.99 26.03
C SER A 111 11.92 -41.25 24.76
N GLY A 112 11.61 -39.95 24.72
CA GLY A 112 12.02 -39.10 23.63
C GLY A 112 13.52 -39.16 23.41
N TYR A 113 14.27 -39.18 24.52
CA TYR A 113 15.73 -39.30 24.43
C TYR A 113 16.14 -40.53 23.64
N GLU A 114 15.54 -41.68 23.99
CA GLU A 114 15.89 -42.94 23.36
C GLU A 114 15.59 -42.92 21.86
N ALA A 115 14.43 -42.38 21.49
CA ALA A 115 14.03 -42.38 20.08
C ALA A 115 14.97 -41.51 19.24
N LEU A 116 15.23 -40.30 19.72
CA LEU A 116 16.08 -39.37 18.98
C LEU A 116 17.52 -39.83 18.91
N HIS A 117 18.01 -40.39 20.01
CA HIS A 117 19.39 -40.83 20.05
C HIS A 117 19.64 -41.98 19.05
N GLU A 118 18.67 -42.88 18.97
CA GLU A 118 18.75 -43.98 18.02
C GLU A 118 18.67 -43.48 16.58
N ILE A 119 17.73 -42.57 16.34
CA ILE A 119 17.62 -41.95 15.03
C ILE A 119 18.88 -41.14 14.69
N PHE A 120 19.33 -40.31 15.62
CA PHE A 120 20.54 -39.54 15.38
C PHE A 120 21.75 -40.42 15.06
N LYS A 121 21.87 -41.58 15.70
CA LYS A 121 23.01 -42.45 15.42
C LYS A 121 23.04 -42.91 13.97
N VAL A 122 21.88 -43.31 13.45
CA VAL A 122 21.77 -43.73 12.05
C VAL A 122 22.02 -42.56 11.11
N VAL A 123 21.44 -41.41 11.42
CA VAL A 123 21.64 -40.23 10.59
C VAL A 123 23.11 -39.81 10.55
N ARG A 124 23.73 -39.73 11.73
CA ARG A 124 25.13 -39.35 11.83
C ARG A 124 26.02 -40.28 11.00
N LYS A 125 25.68 -41.56 10.98
CA LYS A 125 26.41 -42.52 10.16
C LYS A 125 26.32 -42.15 8.69
N GLY A 126 25.09 -41.93 8.21
CA GLY A 126 24.84 -41.68 6.80
C GLY A 126 25.53 -40.44 6.27
N ILE A 127 25.65 -39.43 7.12
CA ILE A 127 26.24 -38.16 6.73
C ILE A 127 27.71 -38.31 6.34
N LYS A 128 28.54 -38.73 7.28
CA LYS A 128 29.98 -38.83 7.05
C LYS A 128 30.36 -40.04 6.19
N ALA A 129 29.36 -40.65 5.56
CA ALA A 129 29.59 -41.80 4.69
C ALA A 129 29.33 -41.45 3.22
N SER A 130 28.71 -40.30 2.99
CA SER A 130 28.40 -39.86 1.63
C SER A 130 28.98 -38.48 1.34
N GLY A 131 29.91 -38.05 2.16
CA GLY A 131 30.55 -36.75 1.99
C GLY A 131 29.65 -35.60 2.40
N CYS A 132 28.67 -35.90 3.23
CA CYS A 132 27.68 -34.92 3.65
C CYS A 132 28.19 -34.07 4.79
N ASN A 133 27.56 -32.92 4.99
CA ASN A 133 27.97 -31.99 6.04
C ASN A 133 26.97 -31.96 7.19
N ARG A 134 25.69 -31.97 6.86
CA ARG A 134 24.63 -31.86 7.86
C ARG A 134 23.37 -32.57 7.36
N ALA A 135 22.47 -32.91 8.28
CA ALA A 135 21.20 -33.49 7.88
C ALA A 135 20.17 -32.38 7.73
N ILE A 136 19.19 -32.61 6.87
CA ILE A 136 18.07 -31.67 6.77
C ILE A 136 16.78 -32.45 6.78
N MET A 137 15.80 -31.98 7.55
CA MET A 137 14.54 -32.69 7.68
C MET A 137 13.62 -32.46 6.50
N VAL A 138 13.14 -33.56 5.93
CA VAL A 138 12.10 -33.55 4.91
C VAL A 138 10.82 -33.94 5.61
N ALA A 139 9.79 -33.10 5.50
CA ALA A 139 8.55 -33.37 6.21
C ALA A 139 7.40 -32.60 5.59
N HIS A 140 6.18 -33.07 5.81
CA HIS A 140 5.02 -32.44 5.17
C HIS A 140 4.40 -31.36 6.06
N ASN A 141 4.51 -30.11 5.61
CA ASN A 141 4.35 -28.96 6.48
C ASN A 141 5.44 -29.03 7.56
N ALA A 142 6.68 -29.06 7.07
CA ALA A 142 7.86 -29.47 7.83
C ALA A 142 8.09 -28.69 9.12
N ASN A 143 7.62 -27.45 9.14
CA ASN A 143 7.83 -26.61 10.30
C ASN A 143 7.26 -27.30 11.53
N PHE A 144 6.19 -28.04 11.34
CA PHE A 144 5.56 -28.80 12.42
C PHE A 144 6.48 -29.87 13.01
N ASP A 145 6.91 -30.81 12.18
CA ASP A 145 7.72 -31.92 12.68
C ASP A 145 9.06 -31.43 13.21
N HIS A 146 9.60 -30.40 12.56
CA HIS A 146 10.87 -29.85 12.96
C HIS A 146 10.76 -29.22 14.36
N SER A 147 9.68 -28.49 14.60
CA SER A 147 9.47 -27.88 15.91
C SER A 147 9.37 -28.94 17.00
N PHE A 148 8.66 -30.02 16.72
CA PHE A 148 8.51 -31.09 17.72
C PHE A 148 9.82 -31.84 17.96
N MET A 149 10.58 -32.11 16.89
CA MET A 149 11.87 -32.76 17.07
C MET A 149 12.82 -31.90 17.91
N MET A 150 12.88 -30.61 17.59
CA MET A 150 13.76 -29.70 18.30
C MET A 150 13.35 -29.56 19.76
N ALA A 151 12.05 -29.58 20.01
CA ALA A 151 11.55 -29.48 21.38
C ALA A 151 11.93 -30.72 22.17
N ALA A 152 11.76 -31.88 21.55
CA ALA A 152 12.12 -33.15 22.17
C ALA A 152 13.61 -33.21 22.46
N ALA A 153 14.41 -32.75 21.50
CA ALA A 153 15.86 -32.75 21.67
C ALA A 153 16.24 -31.87 22.85
N GLU A 154 15.53 -30.76 23.00
CA GLU A 154 15.88 -29.80 24.05
C GLU A 154 15.46 -30.31 25.43
N ARG A 155 14.31 -30.97 25.51
CA ARG A 155 13.85 -31.56 26.77
C ARG A 155 14.81 -32.64 27.26
N ALA A 156 15.37 -33.39 26.32
CA ALA A 156 16.31 -34.47 26.65
C ALA A 156 17.72 -33.95 26.81
N SER A 157 17.92 -32.68 26.48
CA SER A 157 19.23 -32.04 26.59
C SER A 157 20.26 -32.69 25.66
N LEU A 158 19.81 -33.12 24.48
CA LEU A 158 20.70 -33.67 23.48
C LEU A 158 21.62 -32.60 22.92
N LYS A 159 22.91 -32.88 22.85
CA LYS A 159 23.89 -31.87 22.49
C LYS A 159 24.42 -32.05 21.07
N ARG A 160 24.23 -33.23 20.49
CA ARG A 160 24.71 -33.50 19.14
C ARG A 160 23.55 -33.81 18.20
N ASN A 161 22.98 -32.76 17.61
CA ASN A 161 21.85 -32.90 16.71
C ASN A 161 22.31 -32.75 15.26
N PRO A 162 22.22 -33.83 14.47
CA PRO A 162 22.70 -33.83 13.08
C PRO A 162 21.82 -33.01 12.14
N PHE A 163 20.61 -32.69 12.57
CA PHE A 163 19.69 -31.93 11.72
C PHE A 163 19.94 -30.43 11.78
N HIS A 164 19.84 -29.78 10.63
CA HIS A 164 19.96 -28.33 10.55
C HIS A 164 18.95 -27.69 11.51
N PRO A 165 19.40 -26.71 12.28
CA PRO A 165 18.57 -26.12 13.34
C PRO A 165 17.39 -25.27 12.86
N PHE A 166 17.31 -24.94 11.57
CA PHE A 166 16.15 -24.17 11.11
C PHE A 166 15.70 -24.41 9.66
N ALA A 167 16.61 -24.89 8.82
CA ALA A 167 16.25 -25.18 7.43
C ALA A 167 15.57 -26.53 7.30
N THR A 168 14.59 -26.62 6.39
CA THR A 168 13.89 -27.86 6.14
C THR A 168 13.58 -27.97 4.66
N PHE A 169 13.15 -29.17 4.25
CA PHE A 169 12.58 -29.39 2.94
C PHE A 169 11.12 -29.74 3.12
N ASP A 170 10.26 -28.73 3.02
CA ASP A 170 8.82 -28.93 3.21
C ASP A 170 8.19 -29.52 1.94
N THR A 171 7.66 -30.75 2.05
CA THR A 171 7.05 -31.40 0.89
C THR A 171 5.73 -30.77 0.46
N ALA A 172 5.08 -30.04 1.37
CA ALA A 172 3.88 -29.31 0.98
C ALA A 172 4.23 -28.25 -0.07
N ALA A 173 5.25 -27.44 0.22
CA ALA A 173 5.71 -26.44 -0.72
C ALA A 173 6.20 -27.09 -2.01
N LEU A 174 6.98 -28.15 -1.85
CA LEU A 174 7.54 -28.85 -3.01
C LEU A 174 6.44 -29.44 -3.90
N ALA A 175 5.39 -29.95 -3.28
CA ALA A 175 4.26 -30.50 -4.05
C ALA A 175 3.41 -29.37 -4.66
N GLY A 176 3.36 -28.23 -3.98
CA GLY A 176 2.71 -27.07 -4.53
C GLY A 176 3.31 -26.72 -5.88
N LEU A 177 4.64 -26.67 -5.93
CA LEU A 177 5.36 -26.37 -7.16
C LEU A 177 5.20 -27.47 -8.20
N ALA A 178 5.52 -28.71 -7.82
CA ALA A 178 5.56 -29.81 -8.77
C ALA A 178 4.19 -30.30 -9.22
N LEU A 179 3.23 -30.29 -8.30
CA LEU A 179 1.95 -30.98 -8.54
C LEU A 179 0.71 -30.09 -8.41
N GLY A 180 0.91 -28.85 -7.99
CA GLY A 180 -0.21 -27.95 -7.76
C GLY A 180 -1.09 -28.38 -6.60
N GLN A 181 -0.53 -29.17 -5.69
CA GLN A 181 -1.27 -29.66 -4.54
C GLN A 181 -0.41 -29.51 -3.29
N THR A 182 -1.04 -29.22 -2.15
CA THR A 182 -0.30 -29.05 -0.91
C THR A 182 -0.73 -30.05 0.16
N VAL A 183 -1.85 -30.73 -0.06
CA VAL A 183 -2.33 -31.75 0.85
C VAL A 183 -1.67 -33.08 0.53
N LEU A 184 -1.11 -33.73 1.55
CA LEU A 184 -0.34 -34.94 1.35
C LEU A 184 -1.06 -35.99 0.51
N SER A 185 -2.24 -36.40 0.95
CA SER A 185 -3.01 -37.39 0.23
C SER A 185 -3.22 -36.97 -1.23
N LYS A 186 -3.66 -35.72 -1.43
CA LYS A 186 -3.92 -35.22 -2.77
C LYS A 186 -2.64 -35.12 -3.61
N ALA A 187 -1.55 -34.72 -2.99
CA ALA A 187 -0.28 -34.59 -3.71
C ALA A 187 0.21 -35.95 -4.18
N CYS A 188 0.05 -36.96 -3.33
CA CYS A 188 0.48 -38.32 -3.67
C CYS A 188 -0.33 -38.88 -4.83
N GLN A 189 -1.65 -38.78 -4.74
CA GLN A 189 -2.55 -39.27 -5.79
C GLN A 189 -2.24 -38.58 -7.12
N THR A 190 -1.98 -37.27 -7.05
CA THR A 190 -1.67 -36.49 -8.23
C THR A 190 -0.33 -36.94 -8.82
N ALA A 191 0.59 -37.38 -7.96
CA ALA A 191 1.91 -37.81 -8.40
C ALA A 191 1.86 -39.19 -9.05
N GLY A 192 0.71 -39.85 -8.93
CA GLY A 192 0.55 -41.18 -9.48
C GLY A 192 0.70 -42.27 -8.44
N MET A 193 1.04 -41.87 -7.22
CA MET A 193 1.25 -42.81 -6.14
C MET A 193 -0.06 -43.39 -5.62
N ASP A 194 0.00 -44.59 -5.06
CA ASP A 194 -1.12 -45.11 -4.31
C ASP A 194 -1.15 -44.36 -2.98
N PHE A 195 -2.35 -44.13 -2.46
CA PHE A 195 -2.51 -43.57 -1.14
C PHE A 195 -3.75 -44.16 -0.48
N ASP A 196 -3.61 -44.55 0.78
CA ASP A 196 -4.69 -45.24 1.49
C ASP A 196 -5.05 -44.52 2.78
N SER A 197 -6.15 -43.76 2.74
CA SER A 197 -6.56 -42.93 3.88
C SER A 197 -6.77 -43.74 5.17
N THR A 198 -7.02 -45.03 5.04
CA THR A 198 -7.24 -45.89 6.19
C THR A 198 -5.92 -46.22 6.88
N GLN A 199 -4.81 -45.98 6.18
CA GLN A 199 -3.49 -46.15 6.76
C GLN A 199 -2.86 -44.81 7.14
N ALA A 200 -3.46 -43.74 6.64
CA ALA A 200 -2.98 -42.39 6.91
C ALA A 200 -2.99 -42.09 8.41
N HIS A 201 -2.19 -41.11 8.82
CA HIS A 201 -2.13 -40.65 10.21
C HIS A 201 -1.43 -41.63 11.14
N SER A 202 -0.72 -42.59 10.55
CA SER A 202 0.21 -43.43 11.27
C SER A 202 1.62 -43.02 10.86
N ALA A 203 2.48 -42.79 11.84
CA ALA A 203 3.82 -42.27 11.57
C ALA A 203 4.56 -43.04 10.47
N LEU A 204 4.52 -44.37 10.55
CA LEU A 204 5.26 -45.19 9.60
C LEU A 204 4.72 -45.02 8.19
N TYR A 205 3.41 -45.14 8.04
CA TYR A 205 2.79 -45.02 6.74
C TYR A 205 2.99 -43.62 6.15
N ASP A 206 2.70 -42.59 6.94
CA ASP A 206 2.85 -41.23 6.45
C ASP A 206 4.29 -40.91 6.04
N THR A 207 5.26 -41.39 6.82
CA THR A 207 6.66 -41.11 6.50
C THR A 207 7.05 -41.77 5.18
N GLU A 208 6.59 -43.01 4.97
CA GLU A 208 6.91 -43.74 3.75
C GLU A 208 6.32 -43.06 2.52
N ARG A 209 5.04 -42.68 2.61
CA ARG A 209 4.40 -41.98 1.50
C ARG A 209 5.11 -40.64 1.25
N THR A 210 5.46 -39.94 2.33
CA THR A 210 6.16 -38.67 2.19
C THR A 210 7.54 -38.84 1.56
N ALA A 211 8.22 -39.93 1.92
CA ALA A 211 9.54 -40.23 1.35
C ALA A 211 9.42 -40.51 -0.14
N VAL A 212 8.43 -41.31 -0.51
CA VAL A 212 8.20 -41.65 -1.91
C VAL A 212 7.81 -40.41 -2.69
N LEU A 213 6.95 -39.58 -2.10
CA LEU A 213 6.56 -38.31 -2.70
C LEU A 213 7.79 -37.42 -2.97
N PHE A 214 8.62 -37.22 -1.96
CA PHE A 214 9.80 -36.39 -2.10
C PHE A 214 10.74 -36.92 -3.19
N CYS A 215 10.97 -38.22 -3.19
CA CYS A 215 11.87 -38.82 -4.18
C CYS A 215 11.34 -38.63 -5.59
N GLU A 216 10.03 -38.76 -5.75
CA GLU A 216 9.39 -38.61 -7.05
C GLU A 216 9.49 -37.17 -7.57
N ILE A 217 9.33 -36.20 -6.67
CA ILE A 217 9.46 -34.81 -7.08
C ILE A 217 10.89 -34.52 -7.53
N VAL A 218 11.86 -35.02 -6.78
CA VAL A 218 13.26 -34.83 -7.14
C VAL A 218 13.56 -35.55 -8.45
N ASN A 219 13.14 -36.81 -8.56
CA ASN A 219 13.40 -37.60 -9.75
C ASN A 219 12.71 -37.05 -10.99
N ARG A 220 11.49 -36.56 -10.82
CA ARG A 220 10.77 -35.96 -11.94
C ARG A 220 11.47 -34.71 -12.45
N TRP A 221 12.03 -33.91 -11.54
CA TRP A 221 12.77 -32.74 -11.96
C TRP A 221 13.96 -33.14 -12.82
N LYS A 222 14.62 -34.24 -12.44
CA LYS A 222 15.76 -34.75 -13.20
C LYS A 222 15.31 -35.29 -14.56
N ARG A 223 14.22 -36.05 -14.55
CA ARG A 223 13.68 -36.61 -15.79
C ARG A 223 13.37 -35.50 -16.80
N LEU A 224 12.81 -34.39 -16.32
CA LEU A 224 12.42 -33.29 -17.19
C LEU A 224 13.63 -32.47 -17.68
N GLY A 225 14.81 -32.83 -17.20
CA GLY A 225 16.03 -32.14 -17.61
C GLY A 225 16.31 -30.91 -16.77
N GLY A 226 15.62 -30.79 -15.64
CA GLY A 226 15.84 -29.69 -14.72
C GLY A 226 17.11 -29.84 -13.93
N TRP A 227 17.55 -31.08 -13.76
CA TRP A 227 18.80 -31.38 -13.08
C TRP A 227 19.55 -32.45 -13.86
N PRO A 228 20.89 -32.33 -13.95
CA PRO A 228 21.68 -31.22 -13.40
C PRO A 228 21.46 -29.93 -14.18
N LEU A 229 22.12 -28.86 -13.74
CA LEU A 229 21.90 -27.54 -14.33
C LEU A 229 22.57 -27.37 -15.68
N SER A 230 23.80 -27.88 -15.81
CA SER A 230 24.55 -27.76 -17.06
C SER A 230 23.77 -28.36 -18.23
N GLY B 29 -6.51 -17.06 -12.13
CA GLY B 29 -5.49 -17.85 -12.81
C GLY B 29 -4.37 -18.21 -11.86
N LEU B 30 -3.90 -17.23 -11.10
CA LEU B 30 -2.88 -17.46 -10.10
C LEU B 30 -3.38 -18.50 -9.09
N CYS B 31 -4.69 -18.71 -9.08
CA CYS B 31 -5.33 -19.53 -8.05
C CYS B 31 -5.66 -20.95 -8.51
N ASP B 32 -5.56 -21.20 -9.81
CA ASP B 32 -5.65 -22.56 -10.31
C ASP B 32 -4.30 -23.23 -10.18
N ARG B 33 -3.26 -22.41 -10.12
CA ARG B 33 -1.89 -22.92 -10.08
C ARG B 33 -1.55 -23.54 -8.74
N PHE B 34 -2.08 -22.97 -7.66
CA PHE B 34 -1.76 -23.44 -6.32
C PHE B 34 -3.00 -23.80 -5.51
N ARG B 35 -3.89 -24.58 -6.11
CA ARG B 35 -5.13 -25.03 -5.47
C ARG B 35 -5.82 -23.99 -4.61
N GLY B 36 -5.91 -22.76 -5.13
CA GLY B 36 -6.67 -21.71 -4.47
C GLY B 36 -5.83 -20.76 -3.65
N PHE B 37 -4.58 -21.13 -3.40
CA PHE B 37 -3.67 -20.30 -2.62
C PHE B 37 -3.16 -19.09 -3.42
N TYR B 38 -3.20 -17.93 -2.78
CA TYR B 38 -2.71 -16.69 -3.35
C TYR B 38 -1.34 -16.40 -2.75
N PRO B 39 -0.26 -16.69 -3.51
CA PRO B 39 1.10 -16.59 -2.95
C PRO B 39 1.54 -15.14 -2.77
N VAL B 40 1.98 -14.80 -1.56
CA VAL B 40 2.49 -13.47 -1.30
C VAL B 40 3.87 -13.56 -0.68
N VAL B 41 4.85 -12.91 -1.31
CA VAL B 41 6.21 -12.96 -0.80
C VAL B 41 6.37 -12.01 0.37
N ILE B 42 7.00 -12.50 1.44
CA ILE B 42 7.16 -11.74 2.66
C ILE B 42 8.59 -11.85 3.18
N ASP B 43 9.15 -10.72 3.56
CA ASP B 43 10.41 -10.71 4.31
C ASP B 43 10.29 -9.77 5.50
N VAL B 44 10.79 -10.20 6.65
CA VAL B 44 10.84 -9.35 7.84
C VAL B 44 12.26 -9.10 8.31
N GLU B 45 12.47 -7.97 8.97
CA GLU B 45 13.68 -7.73 9.74
C GLU B 45 13.28 -7.69 11.20
N THR B 46 14.12 -8.24 12.06
CA THR B 46 13.77 -8.41 13.46
C THR B 46 14.93 -8.01 14.36
N ALA B 47 14.66 -7.96 15.66
CA ALA B 47 15.71 -7.67 16.64
C ALA B 47 16.18 -8.96 17.30
N GLY B 48 15.97 -10.08 16.64
CA GLY B 48 16.38 -11.38 17.16
C GLY B 48 15.72 -12.56 16.48
N PHE B 49 15.96 -13.76 17.01
CA PHE B 49 15.45 -14.98 16.39
C PHE B 49 14.18 -15.50 17.06
N ASN B 50 13.82 -14.90 18.19
CA ASN B 50 12.67 -15.35 18.95
C ASN B 50 11.41 -14.57 18.56
N ALA B 51 10.50 -15.24 17.87
CA ALA B 51 9.32 -14.59 17.31
C ALA B 51 8.40 -14.01 18.38
N LYS B 52 8.38 -14.63 19.55
CA LYS B 52 7.48 -14.23 20.63
C LYS B 52 8.04 -13.08 21.47
N THR B 53 9.35 -12.95 21.53
CA THR B 53 9.96 -11.98 22.45
C THR B 53 10.78 -10.90 21.78
N ASP B 54 11.18 -11.11 20.53
CA ASP B 54 12.04 -10.15 19.85
C ASP B 54 11.26 -9.22 18.92
N ALA B 55 11.70 -7.98 18.85
CA ALA B 55 11.03 -6.95 18.08
C ALA B 55 10.96 -7.29 16.59
N LEU B 56 9.79 -7.02 16.01
CA LEU B 56 9.63 -6.94 14.57
C LEU B 56 10.02 -5.53 14.19
N LEU B 57 10.92 -5.38 13.22
CA LEU B 57 11.45 -4.06 12.89
C LEU B 57 11.08 -3.56 11.49
N GLU B 58 10.73 -4.49 10.60
CA GLU B 58 10.50 -4.13 9.22
C GLU B 58 9.80 -5.27 8.51
N ILE B 59 8.93 -4.93 7.56
CA ILE B 59 8.27 -5.95 6.79
C ILE B 59 7.97 -5.45 5.38
N ALA B 60 8.26 -6.28 4.40
CA ALA B 60 7.89 -5.98 3.03
C ALA B 60 7.05 -7.12 2.48
N ALA B 61 6.13 -6.79 1.58
CA ALA B 61 5.27 -7.78 0.98
C ALA B 61 5.19 -7.56 -0.52
N ILE B 62 5.23 -8.65 -1.28
CA ILE B 62 5.10 -8.55 -2.73
C ILE B 62 4.08 -9.58 -3.21
N THR B 63 2.99 -9.09 -3.76
CA THR B 63 1.98 -9.98 -4.34
C THR B 63 2.45 -10.36 -5.74
N LEU B 64 1.82 -11.38 -6.30
CA LEU B 64 2.22 -11.89 -7.60
C LEU B 64 1.03 -11.89 -8.55
N LYS B 65 1.30 -12.02 -9.85
CA LYS B 65 0.23 -12.16 -10.82
C LYS B 65 0.64 -13.15 -11.90
N MET B 66 -0.36 -13.73 -12.56
CA MET B 66 -0.12 -14.61 -13.69
C MET B 66 -0.61 -13.91 -14.96
N ASP B 67 0.24 -13.84 -15.97
CA ASP B 67 -0.13 -13.19 -17.22
C ASP B 67 -0.99 -14.13 -18.07
N GLU B 68 -1.41 -13.62 -19.23
CA GLU B 68 -2.18 -14.40 -20.19
C GLU B 68 -1.40 -15.62 -20.67
N GLN B 69 -0.07 -15.50 -20.73
CA GLN B 69 0.80 -16.60 -21.12
C GLN B 69 0.98 -17.64 -20.02
N GLY B 70 0.49 -17.33 -18.82
CA GLY B 70 0.59 -18.24 -17.70
C GLY B 70 1.91 -18.11 -16.95
N TRP B 71 2.66 -17.06 -17.25
CA TRP B 71 3.91 -16.80 -16.56
C TRP B 71 3.71 -16.00 -15.28
N LEU B 72 4.58 -16.24 -14.31
CA LEU B 72 4.46 -15.61 -12.99
C LEU B 72 5.40 -14.41 -12.87
N MET B 73 4.92 -13.35 -12.24
CA MET B 73 5.72 -12.16 -12.06
C MET B 73 5.22 -11.35 -10.87
N PRO B 74 6.07 -10.47 -10.33
CA PRO B 74 5.64 -9.63 -9.21
C PRO B 74 4.49 -8.71 -9.59
N ASP B 75 3.59 -8.44 -8.64
CA ASP B 75 2.46 -7.55 -8.85
C ASP B 75 2.68 -6.27 -8.04
N THR B 76 2.18 -6.26 -6.80
CA THR B 76 2.22 -5.09 -5.93
C THR B 76 3.26 -5.21 -4.82
N THR B 77 3.89 -4.10 -4.47
CA THR B 77 4.88 -4.06 -3.40
C THR B 77 4.49 -3.12 -2.26
N LEU B 78 4.46 -3.63 -1.03
CA LEU B 78 4.25 -2.82 0.17
C LEU B 78 5.46 -2.96 1.08
N HIS B 79 5.81 -1.89 1.80
CA HIS B 79 6.92 -1.93 2.74
C HIS B 79 6.68 -1.02 3.93
N PHE B 80 6.94 -1.54 5.13
CA PHE B 80 6.80 -0.75 6.36
C PHE B 80 7.95 -0.95 7.32
N HIS B 81 8.40 0.15 7.91
CA HIS B 81 9.27 0.09 9.07
C HIS B 81 8.37 -0.05 10.28
N VAL B 82 8.74 -0.97 11.17
CA VAL B 82 7.90 -1.29 12.31
C VAL B 82 8.55 -0.84 13.62
N GLU B 83 7.75 -0.22 14.47
CA GLU B 83 8.19 0.19 15.80
C GLU B 83 8.24 -1.04 16.69
N PRO B 84 9.33 -1.20 17.46
CA PRO B 84 9.41 -2.34 18.38
C PRO B 84 8.25 -2.28 19.36
N PHE B 85 7.52 -3.39 19.49
CA PHE B 85 6.34 -3.41 20.33
C PHE B 85 6.71 -3.14 21.77
N VAL B 86 5.72 -2.73 22.56
CA VAL B 86 5.94 -2.41 23.97
C VAL B 86 6.40 -3.63 24.75
N GLY B 87 7.64 -3.59 25.25
CA GLY B 87 8.18 -4.67 26.05
C GLY B 87 9.08 -5.58 25.24
N ALA B 88 9.23 -5.27 23.96
CA ALA B 88 10.00 -6.11 23.04
C ALA B 88 11.47 -6.15 23.42
N ASN B 89 12.09 -7.31 23.22
CA ASN B 89 13.52 -7.45 23.42
C ASN B 89 14.29 -7.06 22.16
N LEU B 90 15.50 -6.55 22.34
CA LEU B 90 16.35 -6.22 21.20
C LEU B 90 17.77 -6.75 21.36
N GLN B 91 18.15 -7.66 20.46
CA GLN B 91 19.50 -8.22 20.46
C GLN B 91 20.41 -7.39 19.57
N PRO B 92 21.48 -6.83 20.15
CA PRO B 92 22.44 -6.01 19.41
C PRO B 92 23.00 -6.74 18.20
N GLU B 93 23.21 -8.05 18.34
CA GLU B 93 23.72 -8.86 17.23
C GLU B 93 22.79 -8.78 16.02
N ALA B 94 21.49 -8.76 16.27
CA ALA B 94 20.51 -8.63 15.19
C ALA B 94 20.60 -7.23 14.57
N LEU B 95 20.59 -6.22 15.43
CA LEU B 95 20.72 -4.83 14.99
C LEU B 95 22.04 -4.63 14.26
N ALA B 96 23.10 -5.28 14.76
CA ALA B 96 24.39 -5.23 14.09
C ALA B 96 24.29 -5.87 12.72
N PHE B 97 23.42 -6.87 12.62
CA PHE B 97 23.25 -7.63 11.38
C PHE B 97 22.43 -6.89 10.33
N ASN B 98 21.28 -6.35 10.73
CA ASN B 98 20.38 -5.68 9.78
C ASN B 98 20.66 -4.19 9.60
N GLY B 99 21.46 -3.63 10.50
CA GLY B 99 21.85 -2.24 10.42
C GLY B 99 20.76 -1.26 10.83
N ILE B 100 19.70 -1.79 11.43
CA ILE B 100 18.56 -0.96 11.81
C ILE B 100 18.80 -0.22 13.14
N ASP B 101 18.65 1.09 13.11
CA ASP B 101 18.68 1.88 14.33
C ASP B 101 17.24 2.13 14.80
N PRO B 102 16.77 1.31 15.75
CA PRO B 102 15.39 1.40 16.25
C PRO B 102 15.11 2.75 16.92
N ASN B 103 16.13 3.60 16.98
CA ASN B 103 15.99 4.91 17.61
C ASN B 103 16.11 6.07 16.64
N ASP B 104 16.36 5.75 15.36
CA ASP B 104 16.44 6.77 14.33
C ASP B 104 15.09 7.48 14.26
N PRO B 105 15.10 8.80 14.49
CA PRO B 105 13.88 9.61 14.61
C PRO B 105 13.02 9.61 13.34
N ASP B 106 13.64 9.57 12.17
CA ASP B 106 12.89 9.58 10.92
C ASP B 106 12.90 8.25 10.19
N ARG B 107 12.86 7.15 10.94
CA ARG B 107 12.63 5.84 10.35
C ARG B 107 11.29 5.85 9.65
N GLY B 108 10.33 6.56 10.24
CA GLY B 108 8.96 6.53 9.78
C GLY B 108 8.30 5.23 10.19
N ALA B 109 8.69 4.71 11.35
CA ALA B 109 8.17 3.43 11.81
C ALA B 109 6.71 3.55 12.22
N VAL B 110 5.94 2.50 11.94
CA VAL B 110 4.57 2.40 12.37
C VAL B 110 4.40 1.22 13.32
N SER B 111 3.22 1.10 13.91
CA SER B 111 2.92 -0.01 14.80
C SER B 111 2.81 -1.30 14.00
N GLY B 112 3.08 -2.42 14.65
CA GLY B 112 2.88 -3.73 14.04
C GLY B 112 1.46 -3.85 13.50
N TYR B 113 0.50 -3.37 14.27
CA TYR B 113 -0.89 -3.39 13.83
C TYR B 113 -1.07 -2.67 12.49
N GLU B 114 -0.51 -1.46 12.40
CA GLU B 114 -0.64 -0.63 11.21
C GLU B 114 -0.06 -1.31 9.97
N ALA B 115 1.14 -1.86 10.10
CA ALA B 115 1.79 -2.54 8.98
C ALA B 115 0.98 -3.72 8.47
N LEU B 116 0.62 -4.62 9.39
CA LEU B 116 -0.11 -5.82 9.00
C LEU B 116 -1.49 -5.49 8.45
N HIS B 117 -2.16 -4.52 9.05
CA HIS B 117 -3.49 -4.15 8.59
C HIS B 117 -3.44 -3.64 7.15
N GLU B 118 -2.45 -2.80 6.85
CA GLU B 118 -2.30 -2.27 5.49
C GLU B 118 -1.93 -3.37 4.50
N ILE B 119 -1.05 -4.28 4.90
CA ILE B 119 -0.70 -5.40 4.06
C ILE B 119 -1.90 -6.33 3.86
N PHE B 120 -2.60 -6.65 4.95
CA PHE B 120 -3.76 -7.54 4.85
C PHE B 120 -4.83 -6.95 3.93
N LYS B 121 -4.99 -5.63 3.95
CA LYS B 121 -5.96 -4.98 3.07
C LYS B 121 -5.69 -5.28 1.60
N VAL B 122 -4.45 -5.10 1.20
CA VAL B 122 -4.05 -5.38 -0.18
C VAL B 122 -4.18 -6.86 -0.51
N VAL B 123 -3.75 -7.71 0.40
CA VAL B 123 -3.79 -9.15 0.16
C VAL B 123 -5.23 -9.62 -0.06
N ARG B 124 -6.14 -9.20 0.81
CA ARG B 124 -7.54 -9.58 0.67
C ARG B 124 -8.13 -9.18 -0.68
N LYS B 125 -7.83 -7.97 -1.12
CA LYS B 125 -8.28 -7.54 -2.43
C LYS B 125 -7.81 -8.52 -3.50
N GLY B 126 -6.49 -8.66 -3.61
CA GLY B 126 -5.89 -9.51 -4.62
C GLY B 126 -6.43 -10.93 -4.60
N ILE B 127 -6.97 -11.33 -3.47
CA ILE B 127 -7.50 -12.68 -3.31
C ILE B 127 -8.82 -12.88 -4.03
N LYS B 128 -9.79 -12.02 -3.74
CA LYS B 128 -11.13 -12.14 -4.31
C LYS B 128 -11.11 -11.97 -5.82
N ALA B 129 -10.26 -11.08 -6.30
CA ALA B 129 -10.22 -10.73 -7.72
C ALA B 129 -9.72 -11.87 -8.61
N SER B 130 -8.92 -12.76 -8.04
CA SER B 130 -8.29 -13.82 -8.83
C SER B 130 -8.96 -15.18 -8.65
N GLY B 131 -9.89 -15.27 -7.71
CA GLY B 131 -10.62 -16.51 -7.46
C GLY B 131 -9.98 -17.36 -6.38
N CYS B 132 -8.94 -16.82 -5.74
CA CYS B 132 -8.29 -17.51 -4.64
C CYS B 132 -9.19 -17.47 -3.41
N ASN B 133 -8.89 -18.31 -2.42
CA ASN B 133 -9.67 -18.33 -1.19
C ASN B 133 -8.83 -18.10 0.07
N ARG B 134 -7.50 -18.08 -0.10
CA ARG B 134 -6.61 -17.86 1.03
C ARG B 134 -5.22 -17.49 0.53
N ALA B 135 -4.51 -16.71 1.32
CA ALA B 135 -3.13 -16.35 0.99
C ALA B 135 -2.15 -17.37 1.58
N ILE B 136 -1.04 -17.58 0.91
CA ILE B 136 0.04 -18.39 1.47
C ILE B 136 1.34 -17.59 1.42
N MET B 137 2.09 -17.62 2.51
CA MET B 137 3.34 -16.86 2.57
C MET B 137 4.46 -17.55 1.79
N VAL B 138 5.10 -16.78 0.91
CA VAL B 138 6.31 -17.21 0.23
C VAL B 138 7.46 -16.50 0.92
N ALA B 139 8.41 -17.25 1.46
CA ALA B 139 9.50 -16.62 2.19
C ALA B 139 10.72 -17.53 2.23
N HIS B 140 11.89 -16.95 2.45
CA HIS B 140 13.11 -17.75 2.44
C HIS B 140 13.49 -18.24 3.82
N ASN B 141 13.43 -19.56 4.00
CA ASN B 141 13.35 -20.18 5.32
C ASN B 141 12.07 -19.70 5.98
N ALA B 142 10.95 -19.98 5.30
CA ALA B 142 9.66 -19.36 5.58
C ALA B 142 9.15 -19.47 7.02
N ASN B 143 9.51 -20.54 7.72
CA ASN B 143 9.04 -20.68 9.09
C ASN B 143 9.38 -19.44 9.90
N PHE B 144 10.53 -18.85 9.61
CA PHE B 144 10.97 -17.66 10.32
C PHE B 144 9.98 -16.50 10.15
N ASP B 145 9.80 -16.04 8.92
CA ASP B 145 8.94 -14.89 8.67
C ASP B 145 7.49 -15.17 9.07
N HIS B 146 7.07 -16.42 8.88
CA HIS B 146 5.70 -16.79 9.22
C HIS B 146 5.49 -16.68 10.72
N SER B 147 6.45 -17.17 11.50
CA SER B 147 6.34 -17.11 12.96
C SER B 147 6.30 -15.67 13.46
N PHE B 148 7.10 -14.80 12.86
CA PHE B 148 7.10 -13.39 13.25
C PHE B 148 5.82 -12.68 12.83
N MET B 149 5.33 -12.96 11.63
CA MET B 149 4.08 -12.37 11.18
C MET B 149 2.93 -12.79 12.09
N MET B 150 2.85 -14.08 12.39
CA MET B 150 1.81 -14.61 13.26
C MET B 150 1.92 -14.05 14.67
N ALA B 151 3.14 -13.86 15.14
CA ALA B 151 3.33 -13.31 16.49
C ALA B 151 2.90 -11.85 16.53
N ALA B 152 3.24 -11.10 15.49
CA ALA B 152 2.83 -9.70 15.41
C ALA B 152 1.31 -9.57 15.35
N ALA B 153 0.68 -10.44 14.57
CA ALA B 153 -0.76 -10.44 14.44
C ALA B 153 -1.40 -10.75 15.79
N GLU B 154 -0.81 -11.71 16.50
CA GLU B 154 -1.26 -12.06 17.84
C GLU B 154 -1.19 -10.86 18.78
N ARG B 155 -0.04 -10.22 18.82
CA ARG B 155 0.17 -9.03 19.64
C ARG B 155 -0.94 -8.02 19.43
N ALA B 156 -1.27 -7.77 18.17
CA ALA B 156 -2.24 -6.73 17.81
C ALA B 156 -3.68 -7.20 17.90
N SER B 157 -3.88 -8.49 18.20
CA SER B 157 -5.21 -9.07 18.28
C SER B 157 -5.97 -8.93 16.96
N LEU B 158 -5.28 -9.15 15.85
CA LEU B 158 -5.92 -9.11 14.53
C LEU B 158 -6.72 -10.37 14.28
N LYS B 159 -8.01 -10.21 13.99
CA LYS B 159 -8.91 -11.35 13.82
C LYS B 159 -9.02 -11.85 12.38
N ARG B 160 -8.72 -10.97 11.42
CA ARG B 160 -8.86 -11.32 10.01
C ARG B 160 -7.51 -11.46 9.30
N ASN B 161 -6.90 -12.62 9.41
CA ASN B 161 -5.61 -12.88 8.77
C ASN B 161 -5.77 -13.71 7.51
N PRO B 162 -5.51 -13.11 6.34
CA PRO B 162 -5.73 -13.80 5.06
C PRO B 162 -4.72 -14.90 4.79
N PHE B 163 -3.64 -14.93 5.56
CA PHE B 163 -2.57 -15.93 5.37
C PHE B 163 -2.88 -17.25 6.05
N HIS B 164 -2.58 -18.35 5.37
CA HIS B 164 -2.76 -19.67 5.96
C HIS B 164 -2.00 -19.74 7.28
N PRO B 165 -2.65 -20.29 8.31
CA PRO B 165 -2.08 -20.29 9.67
C PRO B 165 -0.87 -21.21 9.88
N PHE B 166 -0.55 -22.08 8.93
CA PHE B 166 0.65 -22.91 9.10
C PHE B 166 1.38 -23.29 7.82
N ALA B 167 0.66 -23.34 6.70
CA ALA B 167 1.30 -23.69 5.43
C ALA B 167 2.09 -22.52 4.87
N THR B 168 3.24 -22.82 4.27
CA THR B 168 4.04 -21.80 3.61
C THR B 168 4.66 -22.36 2.35
N PHE B 169 5.20 -21.46 1.53
CA PHE B 169 6.01 -21.84 0.38
C PHE B 169 7.45 -21.37 0.66
N ASP B 170 8.26 -22.26 1.21
CA ASP B 170 9.64 -21.93 1.56
C ASP B 170 10.56 -21.95 0.33
N THR B 171 11.11 -20.79 -0.04
CA THR B 171 11.98 -20.71 -1.21
C THR B 171 13.32 -21.41 -1.00
N ALA B 172 13.71 -21.64 0.25
CA ALA B 172 14.95 -22.36 0.49
C ALA B 172 14.80 -23.81 0.02
N ALA B 173 13.71 -24.45 0.43
CA ALA B 173 13.42 -25.80 -0.04
C ALA B 173 13.20 -25.82 -1.55
N LEU B 174 12.48 -24.84 -2.06
CA LEU B 174 12.18 -24.80 -3.49
C LEU B 174 13.47 -24.67 -4.31
N ALA B 175 14.41 -23.87 -3.82
CA ALA B 175 15.68 -23.70 -4.51
C ALA B 175 16.56 -24.94 -4.35
N GLY B 176 16.41 -25.62 -3.22
CA GLY B 176 17.12 -26.87 -3.01
C GLY B 176 16.80 -27.85 -4.12
N LEU B 177 15.52 -27.94 -4.45
CA LEU B 177 15.05 -28.81 -5.52
C LEU B 177 15.47 -28.26 -6.89
N ALA B 178 15.11 -27.01 -7.15
CA ALA B 178 15.30 -26.42 -8.46
C ALA B 178 16.76 -26.12 -8.81
N LEU B 179 17.54 -25.69 -7.82
CA LEU B 179 18.87 -25.15 -8.08
C LEU B 179 19.99 -25.82 -7.30
N GLY B 180 19.64 -26.78 -6.43
CA GLY B 180 20.63 -27.42 -5.59
C GLY B 180 21.28 -26.44 -4.64
N GLN B 181 20.61 -25.31 -4.40
CA GLN B 181 21.11 -24.30 -3.47
C GLN B 181 20.02 -23.93 -2.47
N THR B 182 20.41 -23.65 -1.23
CA THR B 182 19.44 -23.28 -0.21
C THR B 182 19.69 -21.88 0.36
N VAL B 183 20.89 -21.35 0.13
CA VAL B 183 21.22 -19.99 0.56
C VAL B 183 20.67 -18.99 -0.46
N LEU B 184 19.99 -17.95 0.02
CA LEU B 184 19.31 -17.01 -0.87
C LEU B 184 20.24 -16.39 -1.92
N SER B 185 21.33 -15.79 -1.47
CA SER B 185 22.28 -15.17 -2.40
C SER B 185 22.75 -16.19 -3.43
N LYS B 186 23.17 -17.37 -2.95
CA LYS B 186 23.68 -18.41 -3.83
C LYS B 186 22.62 -18.93 -4.79
N ALA B 187 21.40 -19.09 -4.30
CA ALA B 187 20.29 -19.56 -5.11
C ALA B 187 19.99 -18.60 -6.27
N CYS B 188 19.98 -17.30 -5.95
CA CYS B 188 19.70 -16.30 -6.97
C CYS B 188 20.76 -16.28 -8.05
N GLN B 189 22.02 -16.31 -7.63
CA GLN B 189 23.16 -16.34 -8.57
C GLN B 189 23.06 -17.57 -9.46
N THR B 190 22.75 -18.71 -8.84
CA THR B 190 22.65 -19.97 -9.57
C THR B 190 21.47 -19.94 -10.54
N ALA B 191 20.45 -19.16 -10.22
CA ALA B 191 19.27 -19.05 -11.05
C ALA B 191 19.48 -18.04 -12.18
N GLY B 192 20.66 -17.43 -12.21
CA GLY B 192 21.00 -16.49 -13.27
C GLY B 192 20.65 -15.06 -12.93
N MET B 193 20.01 -14.86 -11.78
CA MET B 193 19.62 -13.53 -11.34
C MET B 193 20.83 -12.75 -10.86
N ASP B 194 20.71 -11.43 -10.87
CA ASP B 194 21.71 -10.60 -10.22
C ASP B 194 21.43 -10.59 -8.72
N PHE B 195 22.48 -10.50 -7.93
CA PHE B 195 22.33 -10.35 -6.48
C PHE B 195 23.44 -9.47 -5.96
N ASP B 196 23.07 -8.51 -5.12
CA ASP B 196 24.00 -7.49 -4.63
C ASP B 196 24.09 -7.56 -3.12
N SER B 197 25.18 -8.13 -2.61
CA SER B 197 25.36 -8.31 -1.18
C SER B 197 25.26 -7.00 -0.38
N THR B 198 25.62 -5.89 -1.00
CA THR B 198 25.58 -4.60 -0.31
C THR B 198 24.15 -4.09 -0.14
N GLN B 199 23.24 -4.66 -0.92
CA GLN B 199 21.82 -4.33 -0.79
C GLN B 199 21.12 -5.42 0.00
N ALA B 200 21.77 -6.57 0.11
CA ALA B 200 21.21 -7.72 0.81
C ALA B 200 20.90 -7.38 2.27
N HIS B 201 19.95 -8.13 2.83
CA HIS B 201 19.57 -7.99 4.24
C HIS B 201 18.80 -6.72 4.54
N SER B 202 18.30 -6.08 3.48
CA SER B 202 17.30 -5.03 3.60
C SER B 202 15.97 -5.63 3.17
N ALA B 203 14.90 -5.32 3.90
CA ALA B 203 13.61 -5.95 3.67
C ALA B 203 13.12 -5.83 2.22
N LEU B 204 13.13 -4.62 1.68
CA LEU B 204 12.63 -4.40 0.33
C LEU B 204 13.42 -5.22 -0.69
N TYR B 205 14.75 -5.14 -0.59
CA TYR B 205 15.62 -5.82 -1.55
C TYR B 205 15.49 -7.34 -1.44
N ASP B 206 15.55 -7.86 -0.22
CA ASP B 206 15.45 -9.30 -0.04
C ASP B 206 14.10 -9.84 -0.53
N THR B 207 13.04 -9.09 -0.26
CA THR B 207 11.71 -9.54 -0.69
C THR B 207 11.66 -9.57 -2.22
N GLU B 208 12.21 -8.53 -2.85
CA GLU B 208 12.18 -8.44 -4.30
C GLU B 208 12.98 -9.58 -4.95
N ARG B 209 14.18 -9.83 -4.44
CA ARG B 209 14.98 -10.95 -4.94
C ARG B 209 14.28 -12.29 -4.69
N THR B 210 13.70 -12.44 -3.50
CA THR B 210 12.98 -13.67 -3.19
C THR B 210 11.76 -13.86 -4.10
N ALA B 211 11.08 -12.76 -4.41
CA ALA B 211 9.95 -12.80 -5.32
C ALA B 211 10.39 -13.21 -6.73
N VAL B 212 11.48 -12.60 -7.21
CA VAL B 212 11.97 -12.93 -8.54
C VAL B 212 12.45 -14.38 -8.58
N LEU B 213 13.09 -14.83 -7.50
CA LEU B 213 13.55 -16.21 -7.38
C LEU B 213 12.37 -17.18 -7.44
N PHE B 214 11.32 -16.90 -6.67
CA PHE B 214 10.15 -17.78 -6.64
C PHE B 214 9.47 -17.86 -8.01
N CYS B 215 9.29 -16.71 -8.66
CA CYS B 215 8.68 -16.69 -9.98
C CYS B 215 9.50 -17.51 -10.98
N GLU B 216 10.82 -17.36 -10.90
CA GLU B 216 11.73 -18.08 -11.79
C GLU B 216 11.66 -19.59 -11.60
N ILE B 217 11.58 -20.05 -10.35
CA ILE B 217 11.46 -21.48 -10.09
C ILE B 217 10.15 -22.02 -10.67
N VAL B 218 9.07 -21.26 -10.50
CA VAL B 218 7.77 -21.69 -11.01
C VAL B 218 7.78 -21.65 -12.54
N ASN B 219 8.24 -20.54 -13.10
CA ASN B 219 8.29 -20.40 -14.55
C ASN B 219 9.17 -21.45 -15.21
N ARG B 220 10.30 -21.76 -14.58
CA ARG B 220 11.21 -22.77 -15.10
C ARG B 220 10.53 -24.15 -15.12
N TRP B 221 9.76 -24.46 -14.09
CA TRP B 221 9.03 -25.72 -14.05
C TRP B 221 8.11 -25.82 -15.26
N LYS B 222 7.34 -24.76 -15.52
CA LYS B 222 6.43 -24.73 -16.66
C LYS B 222 7.21 -24.82 -17.96
N ARG B 223 8.27 -24.02 -18.04
CA ARG B 223 9.18 -24.02 -19.18
C ARG B 223 9.61 -25.43 -19.59
N LEU B 224 10.05 -26.23 -18.62
CA LEU B 224 10.55 -27.57 -18.90
C LEU B 224 9.43 -28.59 -19.08
N GLY B 225 8.18 -28.12 -19.11
CA GLY B 225 7.04 -28.99 -19.34
C GLY B 225 6.56 -29.74 -18.11
N GLY B 226 7.00 -29.30 -16.94
CA GLY B 226 6.54 -29.89 -15.69
C GLY B 226 5.13 -29.47 -15.37
N TRP B 227 4.72 -28.33 -15.90
CA TRP B 227 3.38 -27.80 -15.67
C TRP B 227 2.81 -27.27 -16.99
N PRO B 228 1.54 -27.56 -17.28
CA PRO B 228 0.60 -28.36 -16.46
C PRO B 228 0.95 -29.84 -16.48
N LEU B 229 0.24 -30.63 -15.69
CA LEU B 229 0.52 -32.05 -15.55
C LEU B 229 0.35 -32.82 -16.86
N ALA C 25 13.50 22.88 12.26
CA ALA C 25 12.53 23.28 11.25
C ALA C 25 12.47 24.81 11.18
N GLN C 26 12.68 25.46 12.31
CA GLN C 26 12.70 26.92 12.36
C GLN C 26 13.79 27.51 11.46
N LEU C 27 14.84 26.73 11.23
CA LEU C 27 15.98 27.21 10.44
C LEU C 27 15.90 26.78 8.98
N THR C 28 14.82 26.12 8.61
CA THR C 28 14.59 25.76 7.23
C THR C 28 13.69 26.80 6.58
N GLY C 29 13.54 26.73 5.27
CA GLY C 29 12.71 27.68 4.56
C GLY C 29 11.28 27.20 4.38
N LEU C 30 10.89 26.18 5.14
CA LEU C 30 9.54 25.61 5.00
C LEU C 30 8.47 26.68 5.10
N CYS C 31 8.53 27.47 6.17
CA CYS C 31 7.50 28.46 6.44
C CYS C 31 7.71 29.77 5.71
N ASP C 32 8.77 29.83 4.91
CA ASP C 32 9.00 30.97 4.02
C ASP C 32 8.39 30.69 2.65
N ARG C 33 8.38 29.42 2.27
CA ARG C 33 8.02 29.02 0.91
C ARG C 33 6.59 29.39 0.54
N PHE C 34 5.67 29.23 1.49
CA PHE C 34 4.27 29.56 1.25
C PHE C 34 3.78 30.58 2.24
N ARG C 35 4.65 31.54 2.54
CA ARG C 35 4.32 32.68 3.39
C ARG C 35 3.62 32.32 4.69
N GLY C 36 4.20 31.37 5.43
CA GLY C 36 3.70 31.02 6.74
C GLY C 36 2.69 29.88 6.74
N PHE C 37 2.26 29.45 5.57
CA PHE C 37 1.36 28.30 5.48
C PHE C 37 2.14 27.01 5.69
N TYR C 38 1.67 26.18 6.61
CA TYR C 38 2.27 24.88 6.90
C TYR C 38 1.46 23.81 6.17
N PRO C 39 2.02 23.25 5.08
CA PRO C 39 1.23 22.34 4.25
C PRO C 39 1.11 20.96 4.87
N VAL C 40 -0.12 20.47 4.95
CA VAL C 40 -0.36 19.15 5.50
C VAL C 40 -1.22 18.38 4.51
N VAL C 41 -0.68 17.26 4.03
CA VAL C 41 -1.37 16.44 3.05
C VAL C 41 -2.42 15.56 3.72
N ILE C 42 -3.63 15.58 3.17
CA ILE C 42 -4.75 14.86 3.75
C ILE C 42 -5.52 14.09 2.69
N ASP C 43 -5.83 12.83 3.00
CA ASP C 43 -6.83 12.09 2.25
C ASP C 43 -7.82 11.49 3.21
N VAL C 44 -9.09 11.56 2.82
CA VAL C 44 -10.16 10.95 3.57
C VAL C 44 -10.80 9.83 2.73
N GLU C 45 -11.29 8.79 3.40
CA GLU C 45 -12.21 7.87 2.72
C GLU C 45 -13.54 7.96 3.45
N THR C 46 -14.63 7.85 2.71
CA THR C 46 -15.94 8.21 3.22
C THR C 46 -16.99 7.20 2.79
N ALA C 47 -18.21 7.35 3.30
CA ALA C 47 -19.31 6.50 2.88
C ALA C 47 -20.26 7.25 1.93
N GLY C 48 -19.71 8.18 1.15
CA GLY C 48 -20.51 8.94 0.20
C GLY C 48 -19.89 10.28 -0.14
N PHE C 49 -20.57 11.04 -1.00
CA PHE C 49 -20.07 12.32 -1.49
C PHE C 49 -20.52 13.52 -0.66
N ASN C 50 -21.55 13.34 0.16
CA ASN C 50 -22.11 14.46 0.92
C ASN C 50 -21.39 14.64 2.27
N ALA C 51 -20.62 15.72 2.38
CA ALA C 51 -19.78 15.93 3.56
C ALA C 51 -20.57 16.15 4.84
N LYS C 52 -21.82 16.59 4.71
CA LYS C 52 -22.62 16.87 5.90
C LYS C 52 -23.38 15.66 6.42
N THR C 53 -23.70 14.72 5.53
CA THR C 53 -24.58 13.61 5.92
C THR C 53 -23.94 12.23 5.87
N ASP C 54 -22.88 12.08 5.09
CA ASP C 54 -22.25 10.77 4.91
C ASP C 54 -21.08 10.53 5.87
N ALA C 55 -20.88 9.29 6.27
CA ALA C 55 -19.86 8.97 7.27
C ALA C 55 -18.43 9.25 6.78
N LEU C 56 -17.62 9.81 7.66
CA LEU C 56 -16.17 9.83 7.48
C LEU C 56 -15.67 8.48 7.99
N LEU C 57 -14.84 7.80 7.19
CA LEU C 57 -14.45 6.43 7.55
C LEU C 57 -12.97 6.26 7.82
N GLU C 58 -12.15 7.18 7.31
CA GLU C 58 -10.71 7.02 7.39
C GLU C 58 -10.04 8.33 7.06
N ILE C 59 -8.90 8.59 7.69
CA ILE C 59 -8.16 9.80 7.38
C ILE C 59 -6.67 9.58 7.61
N ALA C 60 -5.87 10.12 6.71
CA ALA C 60 -4.43 10.14 6.91
C ALA C 60 -3.92 11.55 6.68
N ALA C 61 -2.86 11.90 7.39
CA ALA C 61 -2.28 13.23 7.33
C ALA C 61 -0.78 13.08 7.25
N ILE C 62 -0.15 13.88 6.39
CA ILE C 62 1.29 13.87 6.30
C ILE C 62 1.82 15.29 6.30
N THR C 63 2.61 15.63 7.33
CA THR C 63 3.25 16.93 7.34
C THR C 63 4.48 16.87 6.46
N LEU C 64 4.98 18.03 6.08
CA LEU C 64 6.15 18.11 5.20
C LEU C 64 7.28 18.86 5.90
N LYS C 65 8.49 18.71 5.37
CA LYS C 65 9.65 19.43 5.87
C LYS C 65 10.53 19.84 4.70
N MET C 66 11.40 20.81 4.93
CA MET C 66 12.33 21.25 3.89
C MET C 66 13.75 21.03 4.40
N ASP C 67 14.61 20.38 3.60
CA ASP C 67 15.98 20.20 4.05
C ASP C 67 16.78 21.50 3.89
N GLU C 68 18.07 21.45 4.24
CA GLU C 68 18.89 22.66 4.25
C GLU C 68 19.11 23.24 2.86
N GLN C 69 18.98 22.41 1.83
CA GLN C 69 19.14 22.90 0.46
C GLN C 69 17.82 23.36 -0.18
N GLY C 70 16.76 23.41 0.61
CA GLY C 70 15.48 23.92 0.15
C GLY C 70 14.56 22.93 -0.54
N TRP C 71 14.83 21.64 -0.38
CA TRP C 71 14.01 20.61 -1.02
C TRP C 71 12.92 20.08 -0.08
N LEU C 72 11.74 19.85 -0.63
CA LEU C 72 10.58 19.47 0.17
C LEU C 72 10.40 17.95 0.20
N MET C 73 10.03 17.43 1.36
CA MET C 73 9.82 15.99 1.54
C MET C 73 8.85 15.71 2.68
N PRO C 74 8.23 14.52 2.68
CA PRO C 74 7.33 14.14 3.77
C PRO C 74 8.03 14.13 5.11
N ASP C 75 7.32 14.52 6.16
CA ASP C 75 7.86 14.53 7.51
C ASP C 75 7.13 13.49 8.36
N THR C 76 6.08 13.90 9.05
CA THR C 76 5.34 12.99 9.94
C THR C 76 4.06 12.45 9.30
N THR C 77 3.81 11.15 9.49
CA THR C 77 2.59 10.50 9.00
C THR C 77 1.66 10.06 10.13
N LEU C 78 0.37 10.36 9.99
CA LEU C 78 -0.65 9.86 10.91
C LEU C 78 -1.76 9.19 10.11
N HIS C 79 -2.37 8.16 10.69
CA HIS C 79 -3.41 7.40 10.00
C HIS C 79 -4.45 6.88 11.00
N PHE C 80 -5.71 7.22 10.77
CA PHE C 80 -6.80 6.77 11.63
C PHE C 80 -7.95 6.19 10.83
N HIS C 81 -8.53 5.12 11.38
CA HIS C 81 -9.80 4.62 10.90
C HIS C 81 -10.89 5.23 11.76
N VAL C 82 -11.97 5.69 11.13
CA VAL C 82 -12.97 6.50 11.82
C VAL C 82 -14.32 5.80 11.93
N GLU C 83 -14.86 5.76 13.14
CA GLU C 83 -16.21 5.23 13.38
C GLU C 83 -17.23 6.15 12.72
N PRO C 84 -18.18 5.58 11.98
CA PRO C 84 -19.26 6.39 11.40
C PRO C 84 -19.98 7.16 12.49
N PHE C 85 -20.10 8.47 12.34
CA PHE C 85 -20.73 9.27 13.39
C PHE C 85 -22.19 8.86 13.57
N VAL C 86 -22.72 9.07 14.76
CA VAL C 86 -24.10 8.69 15.05
C VAL C 86 -25.06 9.55 14.24
N GLY C 87 -25.86 8.88 13.41
CA GLY C 87 -26.77 9.58 12.51
C GLY C 87 -26.22 9.66 11.09
N ALA C 88 -25.03 9.12 10.89
CA ALA C 88 -24.39 9.16 9.57
C ALA C 88 -25.08 8.24 8.57
N ASN C 89 -25.06 8.65 7.30
CA ASN C 89 -25.53 7.81 6.22
C ASN C 89 -24.39 7.05 5.56
N LEU C 90 -24.66 5.84 5.10
CA LEU C 90 -23.66 5.05 4.39
C LEU C 90 -24.20 4.59 3.03
N GLN C 91 -23.54 5.01 1.96
CA GLN C 91 -23.90 4.58 0.62
C GLN C 91 -23.10 3.34 0.26
N PRO C 92 -23.79 2.25 -0.13
CA PRO C 92 -23.12 0.99 -0.47
C PRO C 92 -22.12 1.18 -1.61
N GLU C 93 -22.43 2.09 -2.53
CA GLU C 93 -21.56 2.37 -3.66
C GLU C 93 -20.21 2.87 -3.19
N ALA C 94 -20.19 3.64 -2.11
CA ALA C 94 -18.95 4.20 -1.59
C ALA C 94 -18.10 3.10 -0.96
N LEU C 95 -18.74 2.23 -0.18
CA LEU C 95 -18.03 1.12 0.46
C LEU C 95 -17.47 0.15 -0.58
N ALA C 96 -18.22 -0.06 -1.66
CA ALA C 96 -17.76 -0.93 -2.73
C ALA C 96 -16.53 -0.33 -3.39
N PHE C 97 -16.50 1.00 -3.44
CA PHE C 97 -15.42 1.72 -4.09
C PHE C 97 -14.14 1.70 -3.25
N ASN C 98 -14.26 2.00 -1.97
CA ASN C 98 -13.09 2.08 -1.11
C ASN C 98 -12.76 0.78 -0.39
N GLY C 99 -13.65 -0.21 -0.53
CA GLY C 99 -13.41 -1.53 0.03
C GLY C 99 -13.47 -1.60 1.54
N ILE C 100 -14.01 -0.56 2.17
CA ILE C 100 -14.06 -0.49 3.62
C ILE C 100 -15.31 -1.15 4.20
N ASP C 101 -15.09 -1.99 5.21
CA ASP C 101 -16.19 -2.58 5.98
C ASP C 101 -16.24 -1.94 7.36
N PRO C 102 -17.21 -1.04 7.56
CA PRO C 102 -17.35 -0.25 8.80
C PRO C 102 -17.36 -1.08 10.07
N ASN C 103 -17.80 -2.33 10.00
CA ASN C 103 -17.85 -3.18 11.19
C ASN C 103 -16.83 -4.31 11.21
N ASP C 104 -15.69 -4.08 10.56
CA ASP C 104 -14.56 -4.99 10.69
C ASP C 104 -13.85 -4.65 11.99
N PRO C 105 -13.72 -5.64 12.88
CA PRO C 105 -13.13 -5.41 14.21
C PRO C 105 -11.65 -5.03 14.14
N ASP C 106 -11.00 -5.39 13.03
CA ASP C 106 -9.58 -5.09 12.85
C ASP C 106 -9.34 -3.65 12.45
N ARG C 107 -10.40 -2.90 12.19
CA ARG C 107 -10.25 -1.51 11.77
C ARG C 107 -9.64 -0.66 12.87
N GLY C 108 -9.89 -1.02 14.12
CA GLY C 108 -9.43 -0.22 15.24
C GLY C 108 -9.94 1.20 15.06
N ALA C 109 -11.20 1.30 14.65
CA ALA C 109 -11.82 2.59 14.39
C ALA C 109 -11.96 3.43 15.66
N VAL C 110 -11.66 4.72 15.54
CA VAL C 110 -11.86 5.66 16.64
C VAL C 110 -12.84 6.74 16.20
N SER C 111 -13.33 7.53 17.16
CA SER C 111 -14.30 8.57 16.83
C SER C 111 -13.64 9.66 15.99
N GLY C 112 -14.45 10.37 15.20
CA GLY C 112 -13.95 11.51 14.46
C GLY C 112 -13.21 12.45 15.39
N TYR C 113 -13.78 12.68 16.57
CA TYR C 113 -13.16 13.56 17.55
C TYR C 113 -11.73 13.11 17.88
N GLU C 114 -11.56 11.82 18.15
CA GLU C 114 -10.25 11.31 18.53
C GLU C 114 -9.25 11.46 17.39
N ALA C 115 -9.66 11.07 16.19
CA ALA C 115 -8.76 11.16 15.03
C ALA C 115 -8.32 12.60 14.78
N LEU C 116 -9.29 13.50 14.67
CA LEU C 116 -8.99 14.90 14.38
C LEU C 116 -8.21 15.55 15.52
N HIS C 117 -8.56 15.22 16.76
CA HIS C 117 -7.86 15.79 17.89
C HIS C 117 -6.36 15.49 17.80
N GLU C 118 -6.02 14.23 17.50
CA GLU C 118 -4.62 13.84 17.40
C GLU C 118 -3.92 14.47 16.20
N ILE C 119 -4.63 14.55 15.07
CA ILE C 119 -4.07 15.18 13.88
C ILE C 119 -3.81 16.65 14.15
N PHE C 120 -4.78 17.33 14.76
CA PHE C 120 -4.65 18.75 15.05
C PHE C 120 -3.48 19.03 16.00
N LYS C 121 -3.27 18.14 16.97
CA LYS C 121 -2.16 18.30 17.91
C LYS C 121 -0.81 18.27 17.20
N VAL C 122 -0.62 17.26 16.35
CA VAL C 122 0.64 17.11 15.66
C VAL C 122 0.87 18.28 14.71
N VAL C 123 -0.21 18.74 14.07
CA VAL C 123 -0.13 19.89 13.18
C VAL C 123 0.22 21.18 13.93
N ARG C 124 -0.47 21.44 15.03
CA ARG C 124 -0.17 22.61 15.84
C ARG C 124 1.29 22.63 16.30
N LYS C 125 1.80 21.46 16.69
CA LYS C 125 3.18 21.37 17.11
C LYS C 125 4.15 21.60 15.96
N GLY C 126 3.78 21.10 14.78
CA GLY C 126 4.60 21.28 13.59
C GLY C 126 4.66 22.73 13.19
N ILE C 127 3.53 23.41 13.26
CA ILE C 127 3.44 24.84 12.97
C ILE C 127 4.37 25.64 13.87
N LYS C 128 4.28 25.39 15.17
CA LYS C 128 5.08 26.13 16.15
C LYS C 128 6.56 25.83 15.98
N ALA C 129 6.88 24.56 15.79
CA ALA C 129 8.26 24.13 15.60
C ALA C 129 8.91 24.75 14.36
N SER C 130 8.11 24.94 13.30
CA SER C 130 8.66 25.43 12.03
C SER C 130 8.61 26.95 11.89
N GLY C 131 7.81 27.61 12.72
CA GLY C 131 7.67 29.06 12.66
C GLY C 131 6.60 29.52 11.69
N CYS C 132 5.63 28.64 11.40
CA CYS C 132 4.52 28.97 10.51
C CYS C 132 3.37 29.65 11.26
N ASN C 133 2.36 30.10 10.52
CA ASN C 133 1.22 30.79 11.12
C ASN C 133 -0.05 29.94 11.13
N ARG C 134 -0.29 29.22 10.03
CA ARG C 134 -1.51 28.44 9.84
C ARG C 134 -1.17 27.21 9.02
N ALA C 135 -1.93 26.13 9.19
CA ALA C 135 -1.78 24.99 8.31
C ALA C 135 -2.66 25.15 7.09
N ILE C 136 -2.23 24.57 5.99
CA ILE C 136 -3.05 24.57 4.78
C ILE C 136 -3.15 23.13 4.26
N MET C 137 -4.37 22.72 3.94
CA MET C 137 -4.59 21.35 3.48
C MET C 137 -4.15 21.17 2.04
N VAL C 138 -3.30 20.18 1.84
CA VAL C 138 -2.91 19.72 0.52
C VAL C 138 -3.74 18.45 0.25
N ALA C 139 -4.53 18.46 -0.80
CA ALA C 139 -5.37 17.30 -1.12
C ALA C 139 -5.74 17.28 -2.60
N HIS C 140 -6.17 16.11 -3.08
CA HIS C 140 -6.46 15.94 -4.50
C HIS C 140 -7.94 16.16 -4.77
N ASN C 141 -8.24 17.25 -5.50
CA ASN C 141 -9.57 17.85 -5.52
C ASN C 141 -9.90 18.25 -4.09
N ALA C 142 -9.07 19.14 -3.57
CA ALA C 142 -8.97 19.40 -2.14
C ALA C 142 -10.27 19.81 -1.46
N ASN C 143 -11.18 20.43 -2.19
CA ASN C 143 -12.42 20.82 -1.53
C ASN C 143 -13.15 19.63 -0.91
N PHE C 144 -13.02 18.45 -1.52
CA PHE C 144 -13.66 17.26 -1.00
C PHE C 144 -13.17 16.93 0.41
N ASP C 145 -11.88 16.73 0.55
CA ASP C 145 -11.29 16.40 1.85
C ASP C 145 -11.46 17.53 2.85
N HIS C 146 -11.30 18.76 2.38
CA HIS C 146 -11.48 19.91 3.23
C HIS C 146 -12.90 19.93 3.79
N SER C 147 -13.88 19.73 2.92
CA SER C 147 -15.28 19.78 3.33
C SER C 147 -15.62 18.65 4.32
N PHE C 148 -15.08 17.47 4.10
CA PHE C 148 -15.28 16.37 5.03
C PHE C 148 -14.56 16.59 6.35
N MET C 149 -13.36 17.14 6.30
CA MET C 149 -12.63 17.36 7.54
C MET C 149 -13.31 18.43 8.39
N MET C 150 -13.80 19.48 7.74
CA MET C 150 -14.47 20.56 8.46
C MET C 150 -15.78 20.07 9.08
N ALA C 151 -16.53 19.26 8.34
CA ALA C 151 -17.80 18.75 8.83
C ALA C 151 -17.59 17.86 10.05
N ALA C 152 -16.56 17.02 10.00
CA ALA C 152 -16.21 16.17 11.13
C ALA C 152 -15.80 17.01 12.33
N ALA C 153 -15.06 18.08 12.08
CA ALA C 153 -14.64 18.97 13.16
C ALA C 153 -15.84 19.67 13.78
N GLU C 154 -16.78 20.09 12.94
CA GLU C 154 -17.93 20.85 13.42
C GLU C 154 -18.89 20.00 14.25
N ARG C 155 -19.20 18.79 13.81
CA ARG C 155 -20.10 17.95 14.59
C ARG C 155 -19.45 17.49 15.89
N ALA C 156 -18.12 17.44 15.88
CA ALA C 156 -17.36 17.12 17.09
C ALA C 156 -17.10 18.39 17.91
N SER C 157 -17.45 19.54 17.34
CA SER C 157 -17.25 20.83 18.01
C SER C 157 -15.81 20.99 18.49
N LEU C 158 -14.85 20.73 17.61
CA LEU C 158 -13.43 20.83 17.94
C LEU C 158 -12.93 22.26 18.03
N LYS C 159 -12.14 22.55 19.06
CA LYS C 159 -11.55 23.88 19.21
C LYS C 159 -10.22 24.02 18.49
N ARG C 160 -9.86 25.27 18.16
CA ARG C 160 -8.56 25.60 17.60
C ARG C 160 -8.13 24.76 16.40
N ASN C 161 -8.99 24.71 15.39
CA ASN C 161 -8.64 24.06 14.13
C ASN C 161 -7.48 24.83 13.48
N PRO C 162 -6.32 24.17 13.32
CA PRO C 162 -5.15 24.87 12.80
C PRO C 162 -5.17 25.04 11.29
N PHE C 163 -6.13 24.41 10.63
CA PHE C 163 -6.24 24.52 9.17
C PHE C 163 -6.94 25.80 8.73
N HIS C 164 -6.49 26.36 7.62
CA HIS C 164 -7.17 27.51 7.06
C HIS C 164 -8.59 27.10 6.70
N PRO C 165 -9.57 27.94 7.08
CA PRO C 165 -10.98 27.58 6.91
C PRO C 165 -11.47 27.53 5.46
N PHE C 166 -10.74 28.10 4.50
CA PHE C 166 -11.17 27.98 3.12
C PHE C 166 -10.06 27.75 2.10
N ALA C 167 -8.84 28.19 2.41
CA ALA C 167 -7.74 28.07 1.47
C ALA C 167 -7.21 26.63 1.45
N THR C 168 -6.85 26.15 0.27
CA THR C 168 -6.26 24.83 0.13
C THR C 168 -5.19 24.83 -0.95
N PHE C 169 -4.43 23.75 -1.03
CA PHE C 169 -3.52 23.51 -2.13
C PHE C 169 -4.02 22.25 -2.85
N ASP C 170 -4.81 22.45 -3.90
CA ASP C 170 -5.38 21.36 -4.67
C ASP C 170 -4.34 20.75 -5.61
N THR C 171 -3.97 19.50 -5.37
CA THR C 171 -2.94 18.86 -6.21
C THR C 171 -3.47 18.50 -7.59
N ALA C 172 -4.79 18.48 -7.77
CA ALA C 172 -5.33 18.28 -9.11
C ALA C 172 -5.00 19.48 -9.99
N ALA C 173 -5.28 20.69 -9.51
CA ALA C 173 -4.94 21.89 -10.25
C ALA C 173 -3.44 22.01 -10.44
N LEU C 174 -2.68 21.73 -9.38
CA LEU C 174 -1.22 21.84 -9.44
C LEU C 174 -0.62 20.87 -10.45
N ALA C 175 -1.16 19.65 -10.49
CA ALA C 175 -0.67 18.66 -11.46
C ALA C 175 -1.11 19.04 -12.88
N GLY C 176 -2.27 19.69 -12.99
CA GLY C 176 -2.72 20.17 -14.28
C GLY C 176 -1.69 21.11 -14.86
N LEU C 177 -1.23 22.05 -14.05
CA LEU C 177 -0.19 22.98 -14.47
C LEU C 177 1.15 22.28 -14.71
N ALA C 178 1.65 21.59 -13.70
CA ALA C 178 3.01 21.05 -13.75
C ALA C 178 3.19 19.87 -14.70
N LEU C 179 2.16 19.04 -14.81
CA LEU C 179 2.28 17.75 -15.49
C LEU C 179 1.25 17.53 -16.60
N GLY C 180 0.29 18.44 -16.71
CA GLY C 180 -0.75 18.32 -17.71
C GLY C 180 -1.73 17.19 -17.42
N GLN C 181 -1.82 16.81 -16.15
CA GLN C 181 -2.69 15.73 -15.72
C GLN C 181 -3.41 16.16 -14.45
N THR C 182 -4.69 15.83 -14.33
CA THR C 182 -5.46 16.19 -13.15
C THR C 182 -5.90 14.97 -12.36
N VAL C 183 -5.85 13.79 -12.99
CA VAL C 183 -6.21 12.55 -12.31
C VAL C 183 -5.02 12.04 -11.49
N LEU C 184 -5.27 11.68 -10.23
CA LEU C 184 -4.19 11.35 -9.32
C LEU C 184 -3.25 10.27 -9.88
N SER C 185 -3.79 9.12 -10.24
CA SER C 185 -2.97 8.01 -10.71
C SER C 185 -2.10 8.44 -11.90
N LYS C 186 -2.71 9.14 -12.84
CA LYS C 186 -2.01 9.60 -14.04
C LYS C 186 -0.95 10.67 -13.74
N ALA C 187 -1.28 11.58 -12.83
CA ALA C 187 -0.32 12.62 -12.45
C ALA C 187 0.92 12.01 -11.83
N CYS C 188 0.71 11.02 -10.96
CA CYS C 188 1.82 10.33 -10.33
C CYS C 188 2.66 9.60 -11.38
N GLN C 189 2.01 8.86 -12.25
CA GLN C 189 2.73 8.15 -13.31
C GLN C 189 3.52 9.13 -14.17
N THR C 190 2.90 10.25 -14.53
CA THR C 190 3.56 11.27 -15.33
C THR C 190 4.79 11.86 -14.63
N ALA C 191 4.70 12.00 -13.31
CA ALA C 191 5.78 12.56 -12.51
C ALA C 191 6.93 11.56 -12.31
N GLY C 192 6.74 10.34 -12.81
CA GLY C 192 7.75 9.30 -12.69
C GLY C 192 7.60 8.48 -11.42
N MET C 193 6.42 8.55 -10.80
CA MET C 193 6.17 7.80 -9.57
C MET C 193 5.52 6.45 -9.83
N ASP C 194 5.73 5.52 -8.92
CA ASP C 194 4.94 4.30 -8.89
C ASP C 194 3.52 4.67 -8.52
N PHE C 195 2.55 3.96 -9.09
CA PHE C 195 1.17 4.07 -8.64
C PHE C 195 0.44 2.78 -8.92
N ASP C 196 -0.08 2.18 -7.85
CA ASP C 196 -0.76 0.89 -7.98
C ASP C 196 -2.24 1.00 -7.64
N SER C 197 -3.08 0.66 -8.61
CA SER C 197 -4.52 0.71 -8.42
C SER C 197 -4.94 -0.29 -7.34
N THR C 198 -4.11 -1.29 -7.09
CA THR C 198 -4.38 -2.28 -6.06
C THR C 198 -4.33 -1.67 -4.66
N GLN C 199 -3.51 -0.64 -4.48
CA GLN C 199 -3.34 -0.03 -3.16
C GLN C 199 -4.22 1.20 -2.93
N ALA C 200 -4.78 1.73 -4.01
CA ALA C 200 -5.57 2.96 -3.91
C ALA C 200 -6.71 2.84 -2.90
N HIS C 201 -6.95 3.93 -2.18
CA HIS C 201 -8.11 4.06 -1.30
C HIS C 201 -7.96 3.40 0.07
N SER C 202 -6.74 2.99 0.39
CA SER C 202 -6.30 3.09 1.76
C SER C 202 -6.03 4.57 1.86
N ALA C 203 -6.52 5.22 2.91
CA ALA C 203 -6.26 6.65 3.04
C ALA C 203 -4.76 6.90 3.18
N LEU C 204 -4.05 5.93 3.74
CA LEU C 204 -2.61 6.08 3.92
C LEU C 204 -1.91 6.11 2.56
N TYR C 205 -2.25 5.16 1.69
CA TYR C 205 -1.63 5.09 0.38
C TYR C 205 -1.93 6.33 -0.46
N ASP C 206 -3.20 6.72 -0.51
CA ASP C 206 -3.60 7.93 -1.23
C ASP C 206 -2.80 9.12 -0.74
N THR C 207 -2.73 9.28 0.58
CA THR C 207 -2.06 10.43 1.18
C THR C 207 -0.56 10.41 0.87
N GLU C 208 0.06 9.24 0.98
CA GLU C 208 1.50 9.17 0.74
C GLU C 208 1.85 9.49 -0.71
N ARG C 209 1.09 8.93 -1.65
CA ARG C 209 1.31 9.22 -3.06
C ARG C 209 1.06 10.71 -3.36
N THR C 210 0.03 11.27 -2.75
CA THR C 210 -0.30 12.69 -2.93
C THR C 210 0.78 13.57 -2.32
N ALA C 211 1.33 13.16 -1.19
CA ALA C 211 2.43 13.90 -0.57
C ALA C 211 3.66 13.90 -1.47
N VAL C 212 4.01 12.73 -1.98
CA VAL C 212 5.18 12.61 -2.86
C VAL C 212 4.96 13.41 -4.15
N LEU C 213 3.74 13.37 -4.67
CA LEU C 213 3.40 14.16 -5.86
C LEU C 213 3.55 15.67 -5.62
N PHE C 214 3.01 16.14 -4.51
CA PHE C 214 3.07 17.57 -4.21
C PHE C 214 4.52 18.02 -4.05
N CYS C 215 5.30 17.21 -3.34
CA CYS C 215 6.71 17.53 -3.14
C CYS C 215 7.46 17.56 -4.47
N GLU C 216 7.15 16.62 -5.35
CA GLU C 216 7.79 16.58 -6.68
C GLU C 216 7.43 17.81 -7.52
N ILE C 217 6.16 18.22 -7.49
CA ILE C 217 5.77 19.41 -8.23
C ILE C 217 6.50 20.66 -7.73
N VAL C 218 6.60 20.80 -6.41
CA VAL C 218 7.30 21.95 -5.83
C VAL C 218 8.78 21.86 -6.15
N ASN C 219 9.37 20.69 -5.90
CA ASN C 219 10.80 20.51 -6.14
C ASN C 219 11.18 20.73 -7.60
N ARG C 220 10.31 20.31 -8.51
CA ARG C 220 10.55 20.48 -9.94
C ARG C 220 10.58 21.95 -10.34
N TRP C 221 9.67 22.74 -9.79
CA TRP C 221 9.64 24.17 -10.07
C TRP C 221 10.96 24.81 -9.65
N LYS C 222 11.49 24.35 -8.51
CA LYS C 222 12.79 24.81 -8.03
C LYS C 222 13.92 24.34 -8.93
N ARG C 223 13.89 23.07 -9.32
CA ARG C 223 14.95 22.50 -10.16
C ARG C 223 15.03 23.20 -11.51
N LEU C 224 13.88 23.59 -12.05
CA LEU C 224 13.83 24.28 -13.34
C LEU C 224 14.22 25.75 -13.25
N GLY C 225 14.30 26.27 -12.03
CA GLY C 225 14.71 27.64 -11.81
C GLY C 225 13.56 28.62 -11.66
N GLY C 226 12.35 28.09 -11.52
CA GLY C 226 11.18 28.93 -11.30
C GLY C 226 11.13 29.48 -9.89
N TRP C 227 11.80 28.80 -8.97
CA TRP C 227 11.92 29.27 -7.60
C TRP C 227 13.37 29.06 -7.13
N PRO C 228 13.92 30.04 -6.41
CA PRO C 228 13.32 31.30 -6.00
C PRO C 228 13.11 32.27 -7.17
N LEU C 229 12.38 33.36 -6.94
CA LEU C 229 12.09 34.32 -8.00
C LEU C 229 13.28 35.18 -8.35
N SER C 230 13.34 35.59 -9.63
CA SER C 230 14.42 36.42 -10.12
C SER C 230 13.96 37.87 -10.26
N GLN D 26 -9.69 22.25 -32.26
CA GLN D 26 -9.16 22.99 -33.39
C GLN D 26 -7.65 22.79 -33.52
N LEU D 27 -6.98 23.72 -34.18
CA LEU D 27 -5.57 23.55 -34.52
C LEU D 27 -4.60 24.15 -33.51
N THR D 28 -5.13 24.66 -32.40
CA THR D 28 -4.27 25.15 -31.33
C THR D 28 -4.15 24.06 -30.26
N GLY D 29 -3.24 24.27 -29.32
CA GLY D 29 -2.99 23.28 -28.29
C GLY D 29 -3.83 23.49 -27.04
N LEU D 30 -4.81 24.37 -27.11
CA LEU D 30 -5.63 24.70 -25.94
C LEU D 30 -6.19 23.47 -25.25
N CYS D 31 -6.87 22.63 -26.02
CA CYS D 31 -7.54 21.46 -25.47
C CYS D 31 -6.64 20.24 -25.32
N ASP D 32 -5.35 20.39 -25.64
CA ASP D 32 -4.35 19.38 -25.33
C ASP D 32 -3.68 19.69 -24.00
N ARG D 33 -3.62 20.97 -23.65
CA ARG D 33 -2.83 21.43 -22.52
C ARG D 33 -3.32 20.87 -21.18
N PHE D 34 -4.64 20.77 -21.04
CA PHE D 34 -5.23 20.28 -19.82
C PHE D 34 -6.15 19.10 -20.12
N ARG D 35 -5.72 18.27 -21.06
CA ARG D 35 -6.41 17.04 -21.41
C ARG D 35 -7.91 17.20 -21.64
N GLY D 36 -8.28 18.20 -22.43
CA GLY D 36 -9.66 18.39 -22.83
C GLY D 36 -10.44 19.35 -21.96
N PHE D 37 -9.86 19.79 -20.84
CA PHE D 37 -10.51 20.81 -20.02
C PHE D 37 -10.38 22.17 -20.68
N TYR D 38 -11.52 22.85 -20.81
CA TYR D 38 -11.59 24.20 -21.36
C TYR D 38 -11.64 25.19 -20.19
N PRO D 39 -10.52 25.87 -19.93
CA PRO D 39 -10.46 26.74 -18.73
C PRO D 39 -11.25 28.02 -18.91
N VAL D 40 -12.12 28.31 -17.95
CA VAL D 40 -12.90 29.53 -17.96
C VAL D 40 -12.70 30.24 -16.63
N VAL D 41 -12.21 31.47 -16.68
CA VAL D 41 -11.96 32.24 -15.47
C VAL D 41 -13.27 32.87 -14.99
N ILE D 42 -13.54 32.74 -13.70
CA ILE D 42 -14.78 33.22 -13.11
C ILE D 42 -14.55 33.96 -11.81
N ASP D 43 -15.18 35.11 -11.67
CA ASP D 43 -15.31 35.76 -10.37
C ASP D 43 -16.74 36.12 -10.12
N VAL D 44 -17.22 35.85 -8.92
CA VAL D 44 -18.53 36.32 -8.49
C VAL D 44 -18.38 37.38 -7.40
N GLU D 45 -19.36 38.26 -7.30
CA GLU D 45 -19.49 39.08 -6.10
C GLU D 45 -20.86 38.74 -5.51
N THR D 46 -20.93 38.76 -4.18
CA THR D 46 -22.08 38.17 -3.50
C THR D 46 -22.50 39.05 -2.33
N ALA D 47 -23.62 38.71 -1.72
CA ALA D 47 -24.08 39.41 -0.52
C ALA D 47 -23.79 38.62 0.76
N GLY D 48 -22.77 37.77 0.74
CA GLY D 48 -22.39 36.98 1.90
C GLY D 48 -21.54 35.78 1.53
N PHE D 49 -21.13 35.00 2.53
CA PHE D 49 -20.25 33.86 2.29
C PHE D 49 -20.98 32.55 2.02
N ASN D 50 -22.28 32.50 2.32
CA ASN D 50 -23.03 31.24 2.20
C ASN D 50 -23.64 31.07 0.80
N ALA D 51 -23.10 30.12 0.05
CA ALA D 51 -23.51 29.90 -1.33
C ALA D 51 -24.97 29.47 -1.47
N LYS D 52 -25.53 28.86 -0.42
CA LYS D 52 -26.89 28.37 -0.52
C LYS D 52 -27.93 29.43 -0.18
N THR D 53 -27.56 30.39 0.66
CA THR D 53 -28.55 31.31 1.20
C THR D 53 -28.34 32.78 0.85
N ASP D 54 -27.10 33.14 0.53
CA ASP D 54 -26.77 34.53 0.23
C ASP D 54 -26.87 34.85 -1.26
N ALA D 55 -27.27 36.08 -1.57
CA ALA D 55 -27.49 36.48 -2.96
C ALA D 55 -26.22 36.44 -3.79
N LEU D 56 -26.35 35.98 -5.04
CA LEU D 56 -25.34 36.22 -6.05
C LEU D 56 -25.65 37.58 -6.67
N LEU D 57 -24.65 38.45 -6.77
CA LEU D 57 -24.91 39.82 -7.21
C LEU D 57 -24.23 40.19 -8.53
N GLU D 58 -23.20 39.44 -8.91
CA GLU D 58 -22.43 39.80 -10.08
C GLU D 58 -21.55 38.62 -10.47
N ILE D 59 -21.31 38.48 -11.77
CA ILE D 59 -20.46 37.42 -12.26
C ILE D 59 -19.78 37.85 -13.56
N ALA D 60 -18.51 37.52 -13.69
CA ALA D 60 -17.81 37.72 -14.94
C ALA D 60 -17.13 36.43 -15.33
N ALA D 61 -17.02 36.20 -16.63
CA ALA D 61 -16.39 34.99 -17.15
C ALA D 61 -15.48 35.37 -18.30
N ILE D 62 -14.30 34.76 -18.33
CA ILE D 62 -13.35 34.99 -19.41
C ILE D 62 -12.83 33.66 -19.93
N THR D 63 -13.11 33.37 -21.19
CA THR D 63 -12.53 32.19 -21.82
C THR D 63 -11.11 32.50 -22.24
N LEU D 64 -10.36 31.46 -22.52
CA LEU D 64 -8.95 31.60 -22.88
C LEU D 64 -8.69 30.98 -24.25
N LYS D 65 -7.61 31.41 -24.89
CA LYS D 65 -7.18 30.81 -26.14
C LYS D 65 -5.66 30.62 -26.12
N MET D 66 -5.17 29.76 -27.00
CA MET D 66 -3.74 29.54 -27.11
C MET D 66 -3.31 29.92 -28.52
N ASP D 67 -2.26 30.72 -28.65
CA ASP D 67 -1.81 31.09 -29.99
C ASP D 67 -1.03 29.95 -30.65
N GLU D 68 -0.58 30.17 -31.87
CA GLU D 68 0.09 29.13 -32.64
C GLU D 68 1.39 28.68 -31.98
N GLN D 69 2.00 29.56 -31.20
CA GLN D 69 3.27 29.26 -30.53
C GLN D 69 3.08 28.65 -29.15
N GLY D 70 1.83 28.41 -28.76
CA GLY D 70 1.53 27.70 -27.53
C GLY D 70 1.35 28.58 -26.31
N TRP D 71 1.17 29.88 -26.52
CA TRP D 71 1.02 30.82 -25.41
C TRP D 71 -0.45 31.09 -25.09
N LEU D 72 -0.76 31.18 -23.80
CA LEU D 72 -2.13 31.31 -23.33
C LEU D 72 -2.49 32.78 -23.09
N MET D 73 -3.72 33.13 -23.43
CA MET D 73 -4.19 34.51 -23.28
C MET D 73 -5.72 34.54 -23.21
N PRO D 74 -6.28 35.62 -22.64
CA PRO D 74 -7.74 35.78 -22.60
C PRO D 74 -8.36 35.81 -23.99
N ASP D 75 -9.56 35.26 -24.10
CA ASP D 75 -10.29 35.23 -25.36
C ASP D 75 -11.56 36.07 -25.23
N THR D 76 -12.65 35.44 -24.80
CA THR D 76 -13.93 36.16 -24.68
C THR D 76 -14.28 36.55 -23.25
N THR D 77 -14.76 37.77 -23.07
CA THR D 77 -15.22 38.25 -21.77
C THR D 77 -16.73 38.44 -21.72
N LEU D 78 -17.35 37.94 -20.65
CA LEU D 78 -18.76 38.19 -20.35
C LEU D 78 -18.87 38.81 -18.97
N HIS D 79 -19.87 39.67 -18.79
CA HIS D 79 -20.06 40.33 -17.50
C HIS D 79 -21.54 40.60 -17.26
N PHE D 80 -22.03 40.15 -16.11
CA PHE D 80 -23.43 40.32 -15.75
C PHE D 80 -23.61 40.78 -14.32
N HIS D 81 -24.54 41.70 -14.13
CA HIS D 81 -25.00 42.04 -12.80
C HIS D 81 -26.23 41.21 -12.52
N VAL D 82 -26.30 40.65 -11.31
CA VAL D 82 -27.33 39.66 -11.02
C VAL D 82 -28.32 40.15 -9.96
N GLU D 83 -29.61 40.00 -10.25
CA GLU D 83 -30.66 40.35 -9.31
C GLU D 83 -30.68 39.32 -8.19
N PRO D 84 -30.72 39.78 -6.93
CA PRO D 84 -30.81 38.84 -5.81
C PRO D 84 -31.98 37.89 -6.00
N PHE D 85 -31.74 36.59 -5.88
CA PHE D 85 -32.82 35.62 -6.08
C PHE D 85 -33.90 35.80 -5.02
N VAL D 86 -35.12 35.41 -5.37
CA VAL D 86 -36.23 35.50 -4.43
C VAL D 86 -35.96 34.62 -3.21
N GLY D 87 -35.92 35.24 -2.04
CA GLY D 87 -35.66 34.53 -0.80
C GLY D 87 -34.23 34.66 -0.32
N ALA D 88 -33.40 35.38 -1.07
CA ALA D 88 -31.99 35.54 -0.74
C ALA D 88 -31.75 36.38 0.50
N ASN D 89 -30.69 36.05 1.24
CA ASN D 89 -30.23 36.90 2.33
C ASN D 89 -29.16 37.87 1.81
N LEU D 90 -29.14 39.07 2.37
CA LEU D 90 -28.10 40.04 2.06
C LEU D 90 -27.41 40.53 3.32
N GLN D 91 -26.13 40.21 3.44
CA GLN D 91 -25.33 40.66 4.58
C GLN D 91 -24.77 42.05 4.28
N PRO D 92 -25.04 43.02 5.16
CA PRO D 92 -24.57 44.40 4.95
C PRO D 92 -23.05 44.49 4.79
N GLU D 93 -22.31 43.69 5.55
CA GLU D 93 -20.85 43.70 5.50
C GLU D 93 -20.34 43.31 4.12
N ALA D 94 -21.06 42.42 3.46
CA ALA D 94 -20.68 42.01 2.11
C ALA D 94 -20.84 43.18 1.15
N LEU D 95 -21.97 43.88 1.27
CA LEU D 95 -22.26 45.03 0.43
C LEU D 95 -21.26 46.16 0.66
N ALA D 96 -20.87 46.36 1.92
CA ALA D 96 -19.86 47.37 2.24
C ALA D 96 -18.53 46.98 1.62
N PHE D 97 -18.26 45.68 1.61
CA PHE D 97 -17.00 45.16 1.09
C PHE D 97 -16.89 45.33 -0.43
N ASN D 98 -17.93 44.93 -1.15
CA ASN D 98 -17.88 44.97 -2.61
C ASN D 98 -18.44 46.26 -3.22
N GLY D 99 -19.03 47.11 -2.39
CA GLY D 99 -19.52 48.40 -2.84
C GLY D 99 -20.75 48.34 -3.73
N ILE D 100 -21.42 47.19 -3.75
CA ILE D 100 -22.58 47.00 -4.62
C ILE D 100 -23.88 47.42 -3.95
N ASP D 101 -24.68 48.21 -4.65
CA ASP D 101 -26.02 48.55 -4.19
C ASP D 101 -27.06 47.84 -5.07
N PRO D 102 -27.66 46.77 -4.54
CA PRO D 102 -28.66 45.97 -5.26
C PRO D 102 -29.81 46.79 -5.81
N ASN D 103 -30.01 47.98 -5.26
CA ASN D 103 -31.13 48.82 -5.67
C ASN D 103 -30.76 50.00 -6.57
N ASP D 104 -29.56 49.94 -7.15
CA ASP D 104 -29.14 50.94 -8.13
C ASP D 104 -29.77 50.60 -9.48
N PRO D 105 -30.51 51.55 -10.07
CA PRO D 105 -31.16 51.34 -11.37
C PRO D 105 -30.15 51.05 -12.47
N ASP D 106 -28.97 51.63 -12.36
CA ASP D 106 -27.95 51.51 -13.42
C ASP D 106 -27.25 50.15 -13.44
N ARG D 107 -27.62 49.27 -12.51
CA ARG D 107 -27.01 47.94 -12.44
C ARG D 107 -27.23 47.15 -13.73
N GLY D 108 -28.38 47.34 -14.36
CA GLY D 108 -28.73 46.55 -15.52
C GLY D 108 -28.75 45.08 -15.12
N ALA D 109 -29.22 44.84 -13.91
CA ALA D 109 -29.23 43.49 -13.33
C ALA D 109 -30.19 42.55 -14.03
N VAL D 110 -29.81 41.29 -14.13
CA VAL D 110 -30.65 40.26 -14.70
C VAL D 110 -30.72 39.09 -13.72
N SER D 111 -31.64 38.15 -13.97
CA SER D 111 -31.76 37.00 -13.10
C SER D 111 -30.53 36.10 -13.22
N GLY D 112 -30.24 35.36 -12.15
CA GLY D 112 -29.20 34.35 -12.22
C GLY D 112 -29.38 33.46 -13.43
N TYR D 113 -30.63 33.10 -13.72
CA TYR D 113 -30.91 32.26 -14.88
C TYR D 113 -30.38 32.88 -16.17
N GLU D 114 -30.69 34.13 -16.39
CA GLU D 114 -30.27 34.80 -17.61
C GLU D 114 -28.76 34.89 -17.70
N ALA D 115 -28.11 35.32 -16.62
CA ALA D 115 -26.66 35.47 -16.63
C ALA D 115 -25.96 34.13 -16.93
N LEU D 116 -26.29 33.11 -16.16
CA LEU D 116 -25.66 31.80 -16.31
C LEU D 116 -26.01 31.15 -17.65
N HIS D 117 -27.23 31.38 -18.13
CA HIS D 117 -27.62 30.83 -19.42
C HIS D 117 -26.69 31.36 -20.53
N GLU D 118 -26.40 32.65 -20.49
CA GLU D 118 -25.55 33.25 -21.51
C GLU D 118 -24.09 32.84 -21.38
N ILE D 119 -23.61 32.73 -20.14
CA ILE D 119 -22.25 32.27 -19.90
C ILE D 119 -22.12 30.83 -20.40
N PHE D 120 -23.07 29.97 -20.02
CA PHE D 120 -23.02 28.56 -20.42
C PHE D 120 -23.06 28.42 -21.94
N LYS D 121 -23.83 29.28 -22.60
CA LYS D 121 -23.95 29.24 -24.05
C LYS D 121 -22.60 29.51 -24.71
N VAL D 122 -21.94 30.58 -24.29
CA VAL D 122 -20.66 30.95 -24.87
C VAL D 122 -19.61 29.89 -24.55
N VAL D 123 -19.66 29.37 -23.32
CA VAL D 123 -18.72 28.32 -22.91
C VAL D 123 -18.91 27.03 -23.73
N ARG D 124 -20.16 26.60 -23.89
CA ARG D 124 -20.44 25.41 -24.69
C ARG D 124 -19.91 25.59 -26.11
N LYS D 125 -20.12 26.79 -26.65
CA LYS D 125 -19.67 27.12 -27.99
C LYS D 125 -18.15 27.07 -28.07
N GLY D 126 -17.48 27.53 -27.02
CA GLY D 126 -16.03 27.55 -26.98
C GLY D 126 -15.45 26.17 -26.86
N ILE D 127 -16.09 25.32 -26.05
CA ILE D 127 -15.70 23.93 -25.92
C ILE D 127 -15.74 23.24 -27.28
N LYS D 128 -16.85 23.39 -27.99
CA LYS D 128 -17.01 22.75 -29.29
C LYS D 128 -16.01 23.29 -30.32
N ALA D 129 -15.86 24.61 -30.38
CA ALA D 129 -14.97 25.23 -31.36
C ALA D 129 -13.50 24.83 -31.16
N SER D 130 -13.11 24.55 -29.92
CA SER D 130 -11.71 24.26 -29.61
C SER D 130 -11.40 22.75 -29.59
N GLY D 131 -12.43 21.93 -29.50
CA GLY D 131 -12.25 20.49 -29.46
C GLY D 131 -12.09 19.94 -28.05
N CYS D 132 -12.51 20.71 -27.05
CA CYS D 132 -12.45 20.27 -25.66
C CYS D 132 -13.66 19.40 -25.30
N ASN D 133 -13.69 18.86 -24.09
CA ASN D 133 -14.81 18.03 -23.67
C ASN D 133 -15.66 18.63 -22.56
N ARG D 134 -15.02 19.42 -21.69
CA ARG D 134 -15.69 19.98 -20.53
C ARG D 134 -14.96 21.25 -20.09
N ALA D 135 -15.69 22.19 -19.51
CA ALA D 135 -15.06 23.39 -18.98
C ALA D 135 -14.60 23.16 -17.55
N ILE D 136 -13.51 23.82 -17.18
CA ILE D 136 -13.06 23.82 -15.79
C ILE D 136 -12.95 25.27 -15.30
N MET D 137 -13.54 25.53 -14.13
CA MET D 137 -13.53 26.88 -13.58
C MET D 137 -12.17 27.25 -13.04
N VAL D 138 -11.66 28.39 -13.49
CA VAL D 138 -10.45 28.98 -12.96
C VAL D 138 -10.89 30.13 -12.06
N ALA D 139 -10.53 30.07 -10.78
CA ALA D 139 -10.97 31.09 -9.84
C ALA D 139 -10.03 31.17 -8.64
N HIS D 140 -10.08 32.30 -7.92
CA HIS D 140 -9.17 32.55 -6.82
C HIS D 140 -9.81 32.15 -5.48
N ASN D 141 -9.26 31.09 -4.88
CA ASN D 141 -9.96 30.31 -3.86
C ASN D 141 -11.21 29.74 -4.51
N ALA D 142 -10.98 28.93 -5.54
CA ALA D 142 -11.99 28.55 -6.52
C ALA D 142 -13.26 27.95 -5.94
N ASN D 143 -13.17 27.27 -4.81
CA ASN D 143 -14.38 26.63 -4.30
C ASN D 143 -15.48 27.64 -3.98
N PHE D 144 -15.08 28.86 -3.67
CA PHE D 144 -16.05 29.91 -3.38
C PHE D 144 -16.89 30.19 -4.62
N ASP D 145 -16.25 30.57 -5.72
CA ASP D 145 -16.99 30.90 -6.93
C ASP D 145 -17.71 29.69 -7.51
N HIS D 146 -17.06 28.53 -7.44
CA HIS D 146 -17.67 27.30 -7.92
C HIS D 146 -18.97 27.02 -7.15
N SER D 147 -18.91 27.15 -5.83
CA SER D 147 -20.07 26.87 -4.99
C SER D 147 -21.22 27.84 -5.26
N PHE D 148 -20.91 29.12 -5.42
CA PHE D 148 -21.94 30.09 -5.76
C PHE D 148 -22.51 29.86 -7.15
N MET D 149 -21.65 29.54 -8.11
CA MET D 149 -22.13 29.33 -9.46
C MET D 149 -23.04 28.09 -9.52
N MET D 150 -22.67 27.05 -8.78
CA MET D 150 -23.45 25.83 -8.77
C MET D 150 -24.78 26.04 -8.07
N ALA D 151 -24.77 26.84 -7.02
CA ALA D 151 -26.00 27.09 -6.26
C ALA D 151 -26.97 27.93 -7.08
N ALA D 152 -26.43 28.88 -7.84
CA ALA D 152 -27.23 29.69 -8.75
C ALA D 152 -27.84 28.81 -9.84
N ALA D 153 -27.02 27.89 -10.36
CA ALA D 153 -27.50 26.96 -11.39
C ALA D 153 -28.60 26.06 -10.83
N GLU D 154 -28.39 25.58 -9.59
CA GLU D 154 -29.37 24.69 -8.95
C GLU D 154 -30.72 25.36 -8.76
N ARG D 155 -30.72 26.55 -8.16
CA ARG D 155 -31.98 27.24 -7.89
C ARG D 155 -32.72 27.60 -9.18
N ALA D 156 -31.96 27.83 -10.25
CA ALA D 156 -32.54 28.12 -11.55
C ALA D 156 -32.85 26.84 -12.32
N SER D 157 -32.40 25.70 -11.80
CA SER D 157 -32.62 24.41 -12.45
C SER D 157 -32.04 24.37 -13.86
N LEU D 158 -30.89 25.01 -14.05
CA LEU D 158 -30.24 25.04 -15.35
C LEU D 158 -29.78 23.65 -15.79
N LYS D 159 -29.88 23.37 -17.08
CA LYS D 159 -29.40 22.09 -17.58
C LYS D 159 -28.14 22.23 -18.42
N ARG D 160 -27.48 21.10 -18.66
CA ARG D 160 -26.26 21.06 -19.45
C ARG D 160 -25.22 22.06 -18.99
N ASN D 161 -25.00 22.09 -17.69
CA ASN D 161 -23.92 22.86 -17.11
C ASN D 161 -22.61 22.33 -17.66
N PRO D 162 -21.89 23.15 -18.44
CA PRO D 162 -20.67 22.70 -19.11
C PRO D 162 -19.47 22.63 -18.15
N PHE D 163 -19.64 23.15 -16.95
CA PHE D 163 -18.55 23.13 -15.97
C PHE D 163 -18.44 21.79 -15.26
N HIS D 164 -17.21 21.35 -15.04
CA HIS D 164 -16.97 20.16 -14.25
C HIS D 164 -17.59 20.38 -12.88
N PRO D 165 -18.35 19.38 -12.40
CA PRO D 165 -19.10 19.55 -11.14
C PRO D 165 -18.25 19.65 -9.87
N PHE D 166 -16.97 19.31 -9.91
CA PHE D 166 -16.16 19.45 -8.69
C PHE D 166 -14.72 19.89 -8.90
N ALA D 167 -14.14 19.58 -10.06
CA ALA D 167 -12.76 19.97 -10.33
C ALA D 167 -12.67 21.45 -10.70
N THR D 168 -11.64 22.12 -10.20
CA THR D 168 -11.39 23.52 -10.52
C THR D 168 -9.90 23.73 -10.67
N PHE D 169 -9.52 24.91 -11.15
CA PHE D 169 -8.14 25.37 -11.13
C PHE D 169 -8.06 26.58 -10.21
N ASP D 170 -7.65 26.34 -8.96
CA ASP D 170 -7.57 27.40 -7.97
C ASP D 170 -6.30 28.22 -8.17
N THR D 171 -6.45 29.49 -8.52
CA THR D 171 -5.28 30.34 -8.75
C THR D 171 -4.54 30.71 -7.47
N ALA D 172 -5.20 30.56 -6.31
CA ALA D 172 -4.50 30.77 -5.04
C ALA D 172 -3.43 29.71 -4.87
N ALA D 173 -3.80 28.44 -5.05
CA ALA D 173 -2.82 27.36 -4.95
C ALA D 173 -1.76 27.46 -6.05
N LEU D 174 -2.19 27.75 -7.27
CA LEU D 174 -1.25 27.88 -8.38
C LEU D 174 -0.25 29.00 -8.14
N ALA D 175 -0.71 30.13 -7.62
CA ALA D 175 0.18 31.26 -7.33
C ALA D 175 1.08 30.93 -6.14
N GLY D 176 0.56 30.14 -5.20
CA GLY D 176 1.36 29.68 -4.10
C GLY D 176 2.58 28.95 -4.61
N LEU D 177 2.36 28.03 -5.54
CA LEU D 177 3.44 27.28 -6.17
C LEU D 177 4.36 28.17 -7.02
N ALA D 178 3.78 28.87 -7.99
CA ALA D 178 4.58 29.59 -8.97
C ALA D 178 5.23 30.87 -8.45
N LEU D 179 4.58 31.52 -7.49
CA LEU D 179 4.98 32.87 -7.11
C LEU D 179 5.21 33.03 -5.60
N GLY D 180 4.92 31.99 -4.84
CA GLY D 180 5.08 32.04 -3.39
C GLY D 180 4.07 32.97 -2.72
N GLN D 181 2.98 33.24 -3.42
CA GLN D 181 1.93 34.14 -2.93
C GLN D 181 0.57 33.52 -3.17
N THR D 182 -0.34 33.67 -2.21
CA THR D 182 -1.70 33.12 -2.36
C THR D 182 -2.78 34.18 -2.37
N VAL D 183 -2.44 35.41 -1.95
CA VAL D 183 -3.39 36.51 -1.97
C VAL D 183 -3.41 37.15 -3.36
N LEU D 184 -4.60 37.35 -3.92
CA LEU D 184 -4.69 37.78 -5.33
C LEU D 184 -3.88 39.04 -5.66
N SER D 185 -4.10 40.11 -4.90
CA SER D 185 -3.39 41.36 -5.17
C SER D 185 -1.88 41.15 -5.16
N LYS D 186 -1.42 40.38 -4.18
CA LYS D 186 0.02 40.16 -3.98
C LYS D 186 0.60 39.27 -5.07
N ALA D 187 -0.15 38.25 -5.47
CA ALA D 187 0.29 37.34 -6.51
C ALA D 187 0.45 38.09 -7.83
N CYS D 188 -0.53 38.93 -8.15
CA CYS D 188 -0.47 39.74 -9.35
C CYS D 188 0.74 40.66 -9.31
N GLN D 189 0.92 41.37 -8.19
CA GLN D 189 2.05 42.27 -8.06
C GLN D 189 3.37 41.52 -8.22
N THR D 190 3.48 40.35 -7.60
CA THR D 190 4.67 39.53 -7.72
C THR D 190 4.93 39.04 -9.14
N ALA D 191 3.84 38.82 -9.88
CA ALA D 191 3.92 38.36 -11.26
C ALA D 191 4.33 39.48 -12.21
N GLY D 192 4.41 40.70 -11.68
CA GLY D 192 4.78 41.85 -12.48
C GLY D 192 3.59 42.53 -13.11
N MET D 193 2.41 42.27 -12.59
CA MET D 193 1.18 42.85 -13.11
C MET D 193 0.79 44.10 -12.33
N ASP D 194 0.03 44.97 -12.97
CA ASP D 194 -0.63 46.05 -12.25
C ASP D 194 -1.72 45.45 -11.37
N PHE D 195 -1.94 46.04 -10.20
CA PHE D 195 -3.10 45.69 -9.40
C PHE D 195 -3.53 46.89 -8.57
N ASP D 196 -4.79 47.29 -8.74
CA ASP D 196 -5.32 48.48 -8.09
C ASP D 196 -6.43 48.13 -7.11
N SER D 197 -6.19 48.39 -5.83
CA SER D 197 -7.19 48.13 -4.80
C SER D 197 -8.46 48.94 -5.04
N THR D 198 -8.32 50.03 -5.80
CA THR D 198 -9.45 50.88 -6.13
C THR D 198 -10.44 50.16 -7.05
N GLN D 199 -9.92 49.32 -7.94
CA GLN D 199 -10.78 48.65 -8.92
C GLN D 199 -11.28 47.29 -8.45
N ALA D 200 -10.66 46.76 -7.39
CA ALA D 200 -11.03 45.43 -6.90
C ALA D 200 -12.51 45.31 -6.60
N HIS D 201 -13.08 44.17 -6.98
CA HIS D 201 -14.45 43.80 -6.61
C HIS D 201 -15.57 44.32 -7.52
N SER D 202 -15.18 44.89 -8.66
CA SER D 202 -16.01 44.77 -9.84
C SER D 202 -15.70 43.34 -10.21
N ALA D 203 -16.71 42.53 -10.53
CA ALA D 203 -16.43 41.16 -10.89
C ALA D 203 -15.60 41.13 -12.17
N LEU D 204 -15.80 42.14 -13.02
CA LEU D 204 -15.03 42.23 -14.26
C LEU D 204 -13.53 42.40 -13.98
N TYR D 205 -13.19 43.34 -13.10
CA TYR D 205 -11.78 43.60 -12.79
C TYR D 205 -11.10 42.39 -12.16
N ASP D 206 -11.73 41.82 -11.15
CA ASP D 206 -11.24 40.60 -10.51
C ASP D 206 -10.98 39.49 -11.53
N THR D 207 -11.94 39.26 -12.41
CA THR D 207 -11.83 38.17 -13.36
C THR D 207 -10.71 38.44 -14.36
N GLU D 208 -10.61 39.69 -14.81
CA GLU D 208 -9.59 40.03 -15.80
C GLU D 208 -8.18 39.88 -15.22
N ARG D 209 -7.98 40.36 -13.99
CA ARG D 209 -6.69 40.22 -13.33
C ARG D 209 -6.38 38.74 -13.05
N THR D 210 -7.40 37.98 -12.65
CA THR D 210 -7.21 36.56 -12.38
C THR D 210 -6.89 35.81 -13.67
N ALA D 211 -7.51 36.24 -14.77
CA ALA D 211 -7.23 35.62 -16.06
C ALA D 211 -5.80 35.87 -16.50
N VAL D 212 -5.33 37.12 -16.37
CA VAL D 212 -3.97 37.47 -16.76
C VAL D 212 -2.99 36.72 -15.86
N LEU D 213 -3.30 36.66 -14.57
CA LEU D 213 -2.45 35.93 -13.63
C LEU D 213 -2.35 34.44 -14.00
N PHE D 214 -3.48 33.79 -14.25
CA PHE D 214 -3.46 32.37 -14.60
C PHE D 214 -2.65 32.14 -15.88
N CYS D 215 -2.88 33.00 -16.88
CA CYS D 215 -2.12 32.88 -18.13
C CYS D 215 -0.63 33.06 -17.91
N GLU D 216 -0.25 34.00 -17.04
CA GLU D 216 1.17 34.23 -16.76
C GLU D 216 1.81 33.04 -16.05
N ILE D 217 1.07 32.41 -15.14
CA ILE D 217 1.60 31.24 -14.43
C ILE D 217 1.83 30.08 -15.40
N VAL D 218 0.87 29.84 -16.28
CA VAL D 218 1.00 28.77 -17.25
C VAL D 218 2.11 29.12 -18.25
N ASN D 219 2.09 30.35 -18.76
CA ASN D 219 3.12 30.75 -19.72
C ASN D 219 4.53 30.72 -19.15
N ARG D 220 4.67 31.11 -17.89
CA ARG D 220 5.96 31.07 -17.21
C ARG D 220 6.47 29.64 -17.09
N TRP D 221 5.58 28.72 -16.79
CA TRP D 221 5.96 27.32 -16.68
C TRP D 221 6.55 26.85 -17.99
N LYS D 222 5.96 27.30 -19.09
CA LYS D 222 6.43 26.97 -20.43
C LYS D 222 7.78 27.60 -20.74
N ARG D 223 7.88 28.91 -20.50
CA ARG D 223 9.11 29.62 -20.87
C ARG D 223 10.33 29.12 -20.09
N LEU D 224 10.12 28.62 -18.89
CA LEU D 224 11.20 28.05 -18.09
C LEU D 224 11.56 26.63 -18.49
N GLY D 225 10.76 26.02 -19.35
CA GLY D 225 11.05 24.69 -19.85
C GLY D 225 10.39 23.55 -19.09
N GLY D 226 9.43 23.91 -18.23
CA GLY D 226 8.69 22.92 -17.47
C GLY D 226 7.64 22.22 -18.32
N TRP D 227 7.23 22.90 -19.39
CA TRP D 227 6.29 22.35 -20.34
C TRP D 227 6.76 22.73 -21.75
N PRO D 228 6.60 21.81 -22.71
CA PRO D 228 6.10 20.44 -22.57
C PRO D 228 7.06 19.54 -21.80
N LEU D 229 6.60 18.37 -21.40
CA LEU D 229 7.46 17.42 -20.69
C LEU D 229 8.45 16.77 -21.64
N SER D 230 9.39 16.02 -21.08
CA SER D 230 10.34 15.27 -21.89
C SER D 230 9.68 13.97 -22.39
N ALA D 231 10.33 13.35 -23.37
CA ALA D 231 9.83 12.10 -23.95
C ALA D 231 9.72 11.00 -22.90
N ALA D 232 10.65 11.00 -21.95
CA ALA D 232 10.65 9.99 -20.90
C ALA D 232 9.42 10.11 -20.02
N GLU D 233 8.91 11.33 -19.89
CA GLU D 233 7.75 11.61 -19.04
C GLU D 233 6.45 11.21 -19.74
MG MG I . 0.68 -38.54 10.65
CO CO J . 9.70 -36.20 24.44
MG MG K . 16.68 -9.59 5.35
CO CO L . 4.83 -5.83 16.40
CO CO M . -9.03 7.33 -2.02
CO CO N . -16.83 11.93 12.20
CO CO O . -13.95 40.45 -5.67
CO CO P . -29.12 33.72 -8.51
MG MG Q . 2.59 -35.28 9.68
MG MG R . 14.76 -13.00 5.51
MG MG S . -9.14 11.32 -2.09
MG MG T . -13.37 36.51 -5.83
#